data_5F4L
#
_entry.id   5F4L
#
_cell.length_a   67.159
_cell.length_b   127.806
_cell.length_c   192.470
_cell.angle_alpha   90.00
_cell.angle_beta   90.00
_cell.angle_gamma   90.00
#
_symmetry.space_group_name_H-M   'C 2 2 21'
#
loop_
_entity.id
_entity.type
_entity.pdbx_description
1 polymer 'ENVELOPE GLYCOPROTEIN GP120 of HIV-1 clade C'
2 non-polymer "~{N}'-[(1~{R},2~{R})-2-(carbamimidamidomethyl)-6-(methylaminomethyl)-2,3-dihydro-1~{H}-inden-1-yl]-~{N}-(4-chloranyl-3-fluoranyl-phenyl)ethanediamide"
3 water water
#
_entity_poly.entity_id   1
_entity_poly.type   'polypeptide(L)'
_entity_poly.pdbx_seq_one_letter_code
;KTTLFCASDAKAYEKEVHNVWATHACVPTDPNPQEMVLANVTENFNMWKNDMVEQMHEDIISLWDESLKPCVKLTGGSAI
TQACPKVSFDPIPLHYCAPAGFAILKCNNKTFNGTGPCRNVSTVQCTHGIKPVVSTQLLLNGSLAEEEIIIRSENLTNNA
KTIIVHLNESVNIVCTRPNNGGSGSGGNIRQAHCNINESKWNNTLQKVGEELAKHFPSKTIKFEPSSGGDLEITTHSFNC
RGEFFYCNTSDLFNGTYRNGTYNHTGRSSNGTITLQCKIKQIINMWQEVGRAIYAPPIEGEITCNSNITGLLLLRDGGND
DNDTETFRPGGGDMRDNWRSELYKYKVVEI
;
_entity_poly.pdbx_strand_id   A,B
#
loop_
_chem_comp.id
_chem_comp.type
_chem_comp.name
_chem_comp.formula
5VE non-polymer ~{N}'-[(1~{R},2~{R})-2-(carbamimidamidomethyl)-6-(methylaminomethyl)-2,3-dihydro-1~{H}-inden-1-yl]-~{N}-(4-chloranyl-3-fluoranyl-phenyl)ethanediamide 'C21 H24 Cl F N6 O2'
#
# COMPACT_ATOMS: atom_id res chain seq x y z
N LYS A 1 21.18 -3.08 24.78
CA LYS A 1 21.86 -3.66 23.62
C LYS A 1 21.37 -5.08 23.36
N THR A 2 20.99 -5.32 22.11
CA THR A 2 20.77 -6.66 21.58
C THR A 2 20.93 -6.61 20.07
N THR A 3 20.73 -7.75 19.41
CA THR A 3 20.75 -7.79 17.95
C THR A 3 19.34 -8.07 17.43
N LEU A 4 18.67 -7.03 16.97
CA LEU A 4 17.30 -7.14 16.49
C LEU A 4 17.21 -7.94 15.20
N PHE A 5 16.00 -8.38 14.87
CA PHE A 5 15.75 -9.04 13.59
C PHE A 5 14.54 -8.42 12.93
N CYS A 6 14.50 -8.43 11.60
CA CYS A 6 13.44 -7.73 10.87
C CYS A 6 12.31 -8.66 10.43
N ALA A 7 11.12 -8.07 10.26
CA ALA A 7 9.95 -8.80 9.81
C ALA A 7 9.20 -7.99 8.76
N SER A 8 8.65 -8.66 7.75
CA SER A 8 7.94 -7.97 6.68
C SER A 8 6.98 -8.87 5.93
N ASP A 9 6.16 -8.27 5.07
CA ASP A 9 5.26 -9.01 4.20
C ASP A 9 5.85 -9.15 2.80
N ALA A 10 7.16 -9.40 2.74
CA ALA A 10 7.86 -9.52 1.47
C ALA A 10 7.39 -10.73 0.68
N LYS A 11 7.26 -10.55 -0.63
CA LYS A 11 6.86 -11.64 -1.51
C LYS A 11 8.08 -12.23 -2.21
N ALA A 12 8.22 -13.55 -2.15
CA ALA A 12 9.36 -14.23 -2.76
C ALA A 12 9.26 -14.22 -4.28
N TYR A 13 8.06 -14.01 -4.79
CA TYR A 13 7.84 -13.97 -6.24
C TYR A 13 8.01 -12.55 -6.78
N GLU A 14 8.19 -11.59 -5.88
CA GLU A 14 8.36 -10.20 -6.27
C GLU A 14 9.83 -9.90 -6.57
N LYS A 15 10.09 -9.22 -7.69
CA LYS A 15 11.45 -8.96 -8.11
C LYS A 15 11.88 -7.55 -7.71
N GLU A 16 10.98 -6.85 -7.03
CA GLU A 16 11.28 -5.55 -6.46
C GLU A 16 12.31 -5.74 -5.36
N VAL A 17 13.33 -4.87 -5.35
CA VAL A 17 14.52 -5.09 -4.54
C VAL A 17 14.29 -5.10 -3.03
N HIS A 18 13.29 -4.35 -2.55
CA HIS A 18 12.96 -4.38 -1.13
C HIS A 18 12.39 -5.74 -0.75
N ASN A 19 11.59 -6.31 -1.63
CA ASN A 19 11.01 -7.63 -1.41
C ASN A 19 12.08 -8.70 -1.40
N VAL A 20 13.00 -8.63 -2.36
CA VAL A 20 14.12 -9.54 -2.42
C VAL A 20 14.94 -9.46 -1.14
N TRP A 21 15.30 -8.23 -0.76
CA TRP A 21 16.09 -8.01 0.43
C TRP A 21 15.42 -8.57 1.67
N ALA A 22 14.18 -8.18 1.90
CA ALA A 22 13.45 -8.62 3.07
C ALA A 22 13.27 -10.14 3.08
N THR A 23 13.09 -10.75 1.91
CA THR A 23 12.98 -12.20 1.83
C THR A 23 14.29 -12.86 2.25
N HIS A 24 15.42 -12.29 1.83
CA HIS A 24 16.70 -12.92 2.18
C HIS A 24 17.25 -12.44 3.52
N ALA A 25 16.52 -11.56 4.20
CA ALA A 25 17.03 -10.96 5.44
C ALA A 25 16.02 -10.93 6.59
N CYS A 26 14.72 -10.99 6.27
CA CYS A 26 13.69 -10.86 7.30
C CYS A 26 12.87 -12.12 7.50
N VAL A 27 11.99 -12.06 8.50
CA VAL A 27 11.12 -13.17 8.88
C VAL A 27 9.67 -12.78 8.59
N PRO A 28 8.84 -13.75 8.16
CA PRO A 28 7.41 -13.48 8.00
C PRO A 28 6.80 -12.79 9.22
N THR A 29 6.12 -11.67 8.99
CA THR A 29 5.48 -10.94 10.07
C THR A 29 4.31 -11.73 10.63
N ASP A 30 3.93 -11.42 11.87
CA ASP A 30 2.77 -12.06 12.47
C ASP A 30 1.52 -11.23 12.17
N PRO A 31 0.53 -11.85 11.50
CA PRO A 31 -0.68 -11.18 10.99
C PRO A 31 -1.46 -10.41 12.06
N ASN A 32 -1.27 -10.77 13.32
CA ASN A 32 -1.94 -10.08 14.41
C ASN A 32 -1.05 -9.99 15.65
N PRO A 33 -0.17 -8.97 15.68
CA PRO A 33 0.64 -8.76 16.88
C PRO A 33 -0.20 -8.17 17.99
N GLN A 34 0.05 -8.52 19.24
CA GLN A 34 -0.77 -7.96 20.31
C GLN A 34 0.05 -7.25 21.39
N GLU A 35 -0.26 -5.98 21.54
CA GLU A 35 0.43 -5.07 22.45
C GLU A 35 0.05 -5.34 23.90
N MET A 36 1.06 -5.41 24.77
CA MET A 36 0.83 -5.59 26.21
C MET A 36 0.87 -4.23 26.90
N VAL A 37 -0.30 -3.63 27.11
CA VAL A 37 -0.35 -2.26 27.60
C VAL A 37 0.16 -2.14 29.04
N LEU A 38 1.21 -1.34 29.21
CA LEU A 38 1.68 -1.02 30.55
C LEU A 38 1.31 0.41 30.98
N ALA A 39 0.21 0.48 31.74
CA ALA A 39 -0.14 1.64 32.52
C ALA A 39 0.70 1.71 33.77
N ASN A 40 0.43 2.75 34.55
CA ASN A 40 1.10 3.03 35.83
C ASN A 40 2.60 3.27 35.75
N VAL A 41 3.26 2.81 34.69
CA VAL A 41 4.73 2.91 34.65
C VAL A 41 5.30 4.13 33.90
N THR A 42 6.40 4.70 34.40
CA THR A 42 6.94 5.94 33.82
C THR A 42 8.43 5.87 33.49
N GLU A 43 8.76 5.56 32.24
CA GLU A 43 10.17 5.42 31.87
C GLU A 43 10.58 6.48 30.86
N ASN A 44 11.89 6.68 30.71
CA ASN A 44 12.42 7.75 29.86
C ASN A 44 12.92 7.28 28.51
N PHE A 45 12.68 8.09 27.48
CA PHE A 45 13.12 7.77 26.12
C PHE A 45 14.05 8.85 25.57
N ASN A 46 14.90 8.47 24.64
CA ASN A 46 15.74 9.43 23.92
C ASN A 46 15.92 8.99 22.48
N MET A 47 15.13 9.59 21.59
CA MET A 47 15.14 9.24 20.17
C MET A 47 16.49 9.54 19.52
N TRP A 48 17.27 10.40 20.16
CA TRP A 48 18.53 10.86 19.58
C TRP A 48 19.71 9.98 19.98
N LYS A 49 19.52 9.17 21.01
CA LYS A 49 20.54 8.20 21.41
C LYS A 49 19.92 6.80 21.47
N ASN A 50 19.55 6.28 20.29
CA ASN A 50 18.91 4.97 20.19
C ASN A 50 19.66 4.06 19.24
N ASP A 51 19.95 2.85 19.70
CA ASP A 51 20.73 1.89 18.91
C ASP A 51 19.89 1.28 17.78
N MET A 52 18.57 1.26 17.96
CA MET A 52 17.66 0.78 16.93
C MET A 52 17.86 1.55 15.64
N VAL A 53 18.10 2.85 15.78
CA VAL A 53 18.36 3.73 14.65
C VAL A 53 19.63 3.31 13.91
N GLU A 54 20.66 2.95 14.66
CA GLU A 54 21.93 2.52 14.06
C GLU A 54 21.80 1.17 13.36
N GLN A 55 21.09 0.24 13.99
CA GLN A 55 20.87 -1.07 13.39
C GLN A 55 20.08 -0.94 12.09
N MET A 56 18.99 -0.19 12.15
CA MET A 56 18.17 0.06 10.97
C MET A 56 18.99 0.72 9.87
N HIS A 57 19.78 1.72 10.27
CA HIS A 57 20.67 2.43 9.34
C HIS A 57 21.58 1.45 8.62
N GLU A 58 22.21 0.57 9.40
CA GLU A 58 23.07 -0.47 8.86
C GLU A 58 22.33 -1.35 7.85
N ASP A 59 21.12 -1.77 8.23
CA ASP A 59 20.32 -2.63 7.38
C ASP A 59 19.92 -1.97 6.06
N ILE A 60 19.58 -0.68 6.11
CA ILE A 60 19.18 0.04 4.91
C ILE A 60 20.40 0.30 4.03
N ILE A 61 21.55 0.52 4.66
CA ILE A 61 22.80 0.67 3.93
C ILE A 61 23.14 -0.60 3.17
N SER A 62 23.03 -1.75 3.85
CA SER A 62 23.28 -3.03 3.21
C SER A 62 22.26 -3.29 2.09
N LEU A 63 21.02 -2.91 2.34
CA LEU A 63 19.93 -3.07 1.38
C LEU A 63 20.23 -2.30 0.09
N TRP A 64 20.59 -1.02 0.23
CA TRP A 64 20.93 -0.21 -0.91
C TRP A 64 22.19 -0.73 -1.61
N ASP A 65 23.12 -1.26 -0.81
CA ASP A 65 24.38 -1.77 -1.34
C ASP A 65 24.15 -2.99 -2.22
N GLU A 66 23.22 -3.85 -1.82
CA GLU A 66 22.94 -5.08 -2.56
C GLU A 66 21.92 -4.87 -3.67
N SER A 67 21.13 -3.81 -3.55
CA SER A 67 20.06 -3.54 -4.51
C SER A 67 20.47 -2.52 -5.56
N LEU A 68 20.85 -1.33 -5.10
CA LEU A 68 21.26 -0.26 -6.01
C LEU A 68 22.76 -0.26 -6.24
N LYS A 69 23.19 -1.03 -7.23
CA LYS A 69 24.60 -1.10 -7.61
C LYS A 69 24.90 -0.02 -8.64
N PRO A 70 25.69 0.99 -8.25
CA PRO A 70 26.02 2.09 -9.17
C PRO A 70 27.03 1.67 -10.23
N CYS A 71 26.98 2.32 -11.39
CA CYS A 71 27.98 2.10 -12.43
C CYS A 71 29.36 2.38 -11.88
N VAL A 72 29.50 3.51 -11.21
CA VAL A 72 30.78 3.88 -10.60
C VAL A 72 30.60 4.19 -9.12
N LYS A 73 31.59 3.84 -8.31
CA LYS A 73 31.64 4.23 -6.91
C LYS A 73 33.00 4.84 -6.63
N LEU A 74 33.04 6.16 -6.55
CA LEU A 74 34.29 6.88 -6.35
C LEU A 74 34.47 7.32 -4.91
N THR A 75 35.61 6.94 -4.33
CA THR A 75 35.97 7.32 -2.98
C THR A 75 37.44 7.70 -2.94
N GLY A 76 37.72 8.95 -2.57
CA GLY A 76 39.06 9.48 -2.63
C GLY A 76 39.57 9.46 -4.05
N GLY A 77 40.59 8.65 -4.30
CA GLY A 77 41.13 8.48 -5.64
C GLY A 77 40.77 7.15 -6.25
N SER A 78 40.17 6.27 -5.43
CA SER A 78 39.84 4.92 -5.88
C SER A 78 38.42 4.83 -6.41
N ALA A 79 38.28 4.31 -7.63
CA ALA A 79 36.97 4.15 -8.25
C ALA A 79 36.67 2.67 -8.51
N ILE A 80 35.41 2.29 -8.29
CA ILE A 80 34.99 0.90 -8.51
C ILE A 80 33.86 0.82 -9.54
N THR A 81 34.03 -0.03 -10.54
CA THR A 81 32.98 -0.20 -11.55
C THR A 81 32.40 -1.60 -11.53
N GLN A 82 31.12 -1.69 -11.90
CA GLN A 82 30.41 -2.95 -12.00
C GLN A 82 29.09 -2.72 -12.74
N ALA A 83 28.43 -3.79 -13.12
CA ALA A 83 27.17 -3.69 -13.86
C ALA A 83 26.10 -2.97 -13.02
N CYS A 84 25.42 -2.01 -13.64
CA CYS A 84 24.41 -1.21 -12.95
C CYS A 84 23.05 -1.34 -13.61
N PRO A 85 22.39 -2.49 -13.44
CA PRO A 85 21.10 -2.73 -14.10
C PRO A 85 19.97 -1.93 -13.47
N LYS A 86 19.01 -1.52 -14.30
CA LYS A 86 17.80 -0.89 -13.80
C LYS A 86 16.96 -1.93 -13.05
N VAL A 87 16.38 -1.52 -11.93
CA VAL A 87 15.66 -2.45 -11.07
C VAL A 87 14.24 -1.98 -10.75
N SER A 88 13.49 -2.84 -10.08
CA SER A 88 12.18 -2.45 -9.57
C SER A 88 12.34 -1.94 -8.14
N PHE A 89 11.96 -0.68 -7.92
CA PHE A 89 12.21 -0.02 -6.64
C PHE A 89 10.94 0.60 -6.05
N ASP A 90 10.53 0.09 -4.89
CA ASP A 90 9.42 0.64 -4.14
C ASP A 90 9.42 0.09 -2.72
N PRO A 91 9.80 0.93 -1.74
CA PRO A 91 9.96 0.55 -0.34
C PRO A 91 8.75 -0.16 0.26
N ILE A 92 9.01 -1.18 1.08
CA ILE A 92 7.96 -1.87 1.81
C ILE A 92 8.19 -1.68 3.31
N PRO A 93 7.10 -1.70 4.10
CA PRO A 93 7.22 -1.50 5.55
C PRO A 93 8.12 -2.53 6.21
N LEU A 94 9.04 -2.06 7.06
CA LEU A 94 9.92 -2.96 7.80
C LEU A 94 9.61 -2.91 9.29
N HIS A 95 9.42 -4.08 9.88
CA HIS A 95 9.21 -4.18 11.32
C HIS A 95 10.51 -4.59 11.98
N TYR A 96 10.82 -3.98 13.12
CA TYR A 96 12.01 -4.37 13.86
C TYR A 96 11.61 -5.03 15.18
N CYS A 97 12.05 -6.27 15.36
CA CYS A 97 11.63 -7.10 16.46
C CYS A 97 12.81 -7.55 17.33
N ALA A 98 12.55 -7.73 18.62
CA ALA A 98 13.56 -8.16 19.56
C ALA A 98 13.53 -9.68 19.73
N PRO A 99 14.72 -10.31 19.80
CA PRO A 99 14.84 -11.75 19.99
C PRO A 99 14.38 -12.18 21.39
N ALA A 100 14.35 -13.50 21.63
CA ALA A 100 13.94 -14.03 22.92
C ALA A 100 14.88 -13.57 24.02
N GLY A 101 14.31 -13.07 25.12
CA GLY A 101 15.09 -12.56 26.22
C GLY A 101 15.12 -11.04 26.22
N PHE A 102 14.51 -10.45 25.20
CA PHE A 102 14.45 -9.00 25.08
C PHE A 102 13.03 -8.55 24.75
N ALA A 103 12.73 -7.28 24.99
CA ALA A 103 11.41 -6.75 24.68
C ALA A 103 11.52 -5.35 24.07
N ILE A 104 10.45 -4.89 23.44
CA ILE A 104 10.44 -3.53 22.90
C ILE A 104 9.41 -2.67 23.60
N LEU A 105 9.85 -1.69 24.38
CA LEU A 105 8.92 -0.78 25.01
C LEU A 105 8.50 0.36 24.08
N LYS A 106 7.21 0.65 24.12
CA LYS A 106 6.57 1.57 23.20
C LYS A 106 5.84 2.67 23.95
N CYS A 107 6.19 3.92 23.64
CA CYS A 107 5.55 5.07 24.25
C CYS A 107 4.18 5.31 23.64
N ASN A 108 3.16 5.43 24.48
CA ASN A 108 1.82 5.69 23.99
C ASN A 108 1.36 7.12 24.27
N ASN A 109 2.20 7.91 24.95
CA ASN A 109 1.90 9.33 25.12
C ASN A 109 1.96 9.98 23.75
N LYS A 110 0.91 10.71 23.42
CA LYS A 110 0.62 11.04 22.04
C LYS A 110 1.12 12.43 21.68
N THR A 111 1.78 13.06 22.64
CA THR A 111 2.37 14.37 22.44
C THR A 111 3.82 14.29 22.87
N PHE A 112 4.31 13.05 22.97
CA PHE A 112 5.69 12.81 23.39
C PHE A 112 6.66 13.34 22.34
N ASN A 113 7.66 14.07 22.79
CA ASN A 113 8.58 14.75 21.89
C ASN A 113 9.88 14.00 21.64
N GLY A 114 9.95 12.76 22.09
CA GLY A 114 11.10 11.92 21.82
C GLY A 114 12.12 11.85 22.93
N THR A 115 12.21 12.91 23.73
CA THR A 115 13.16 12.96 24.83
C THR A 115 12.48 13.19 26.17
N GLY A 116 12.86 12.42 27.17
CA GLY A 116 12.34 12.60 28.51
C GLY A 116 11.34 11.56 28.95
N PRO A 117 10.52 11.90 29.95
CA PRO A 117 9.55 10.99 30.58
C PRO A 117 8.38 10.60 29.69
N CYS A 118 7.99 9.33 29.75
CA CYS A 118 6.79 8.87 29.09
C CYS A 118 6.10 7.87 29.99
N ARG A 119 4.79 7.94 30.01
CA ARG A 119 4.09 7.37 31.11
C ARG A 119 3.14 6.31 30.52
N ASN A 120 2.27 6.62 29.55
CA ASN A 120 1.52 5.54 28.90
C ASN A 120 2.47 4.62 28.09
N VAL A 121 2.94 3.53 28.70
CA VAL A 121 3.97 2.73 28.05
C VAL A 121 3.36 1.39 27.66
N SER A 122 4.08 0.59 26.89
CA SER A 122 3.62 -0.76 26.59
C SER A 122 4.73 -1.66 26.10
N THR A 123 4.39 -2.93 25.91
CA THR A 123 5.35 -3.94 25.49
C THR A 123 4.94 -4.57 24.17
N VAL A 124 5.83 -4.48 23.18
CA VAL A 124 5.63 -5.13 21.90
C VAL A 124 6.85 -5.97 21.56
N GLN A 125 6.64 -6.94 20.67
CA GLN A 125 7.73 -7.77 20.18
C GLN A 125 8.35 -7.11 18.96
N CYS A 126 7.50 -6.49 18.13
CA CYS A 126 7.97 -5.85 16.91
C CYS A 126 7.40 -4.43 16.79
N THR A 127 8.08 -3.61 15.99
CA THR A 127 7.64 -2.23 15.75
C THR A 127 6.48 -2.20 14.75
N HIS A 128 6.02 -1.00 14.43
CA HIS A 128 5.02 -0.84 13.38
C HIS A 128 5.73 -0.87 12.03
N GLY A 129 4.95 -0.99 10.96
CA GLY A 129 5.50 -1.04 9.62
C GLY A 129 6.18 0.25 9.22
N ILE A 130 7.48 0.19 8.98
CA ILE A 130 8.25 1.37 8.61
C ILE A 130 8.83 1.26 7.22
N LYS A 131 8.44 2.17 6.34
CA LYS A 131 9.02 2.24 5.00
C LYS A 131 10.35 2.97 5.04
N PRO A 132 11.44 2.26 4.71
CA PRO A 132 12.78 2.85 4.71
C PRO A 132 12.96 3.86 3.59
N VAL A 133 12.25 4.98 3.67
CA VAL A 133 12.29 5.99 2.62
C VAL A 133 13.48 6.92 2.79
N VAL A 134 14.36 6.92 1.81
CA VAL A 134 15.54 7.78 1.84
C VAL A 134 15.25 9.10 1.12
N SER A 135 15.28 10.20 1.87
CA SER A 135 15.01 11.51 1.30
C SER A 135 15.60 12.63 2.15
N THR A 136 15.55 13.85 1.63
CA THR A 136 15.98 15.03 2.37
C THR A 136 14.87 16.06 2.44
N GLN A 137 15.01 17.03 3.34
CA GLN A 137 14.07 18.13 3.52
C GLN A 137 12.66 17.68 3.90
N LEU A 138 12.08 16.78 3.11
CA LEU A 138 10.74 16.27 3.37
C LEU A 138 10.75 14.79 3.74
N LEU A 139 9.99 14.43 4.77
CA LEU A 139 9.83 13.03 5.14
C LEU A 139 8.60 12.45 4.45
N LEU A 140 8.79 11.35 3.72
CA LEU A 140 7.73 10.82 2.87
C LEU A 140 7.19 9.48 3.36
N ASN A 141 5.88 9.30 3.21
CA ASN A 141 5.18 8.05 3.51
C ASN A 141 5.53 7.45 4.86
N GLY A 142 5.48 8.27 5.91
CA GLY A 142 5.68 7.79 7.26
C GLY A 142 4.36 7.74 8.01
N SER A 143 4.43 7.66 9.33
CA SER A 143 3.23 7.68 10.16
C SER A 143 2.96 9.10 10.67
N LEU A 144 1.68 9.44 10.76
CA LEU A 144 1.28 10.78 11.20
C LEU A 144 1.11 10.87 12.70
N ALA A 145 1.33 12.06 13.24
CA ALA A 145 0.96 12.34 14.62
C ALA A 145 -0.55 12.30 14.71
N GLU A 146 -1.06 11.66 15.75
CA GLU A 146 -2.51 11.44 15.86
C GLU A 146 -3.23 12.60 16.54
N GLU A 147 -2.47 13.52 17.12
CA GLU A 147 -3.08 14.77 17.58
C GLU A 147 -2.25 15.93 17.01
N GLU A 148 -2.00 16.99 17.79
CA GLU A 148 -1.33 18.17 17.25
C GLU A 148 0.05 17.87 16.68
N ILE A 149 0.52 18.74 15.79
CA ILE A 149 1.85 18.65 15.20
C ILE A 149 2.92 18.66 16.30
N ILE A 150 3.91 17.79 16.17
CA ILE A 150 4.92 17.63 17.22
C ILE A 150 6.31 18.08 16.77
N ILE A 151 6.97 18.88 17.61
CA ILE A 151 8.32 19.34 17.32
C ILE A 151 9.36 18.51 18.08
N ARG A 152 10.35 17.99 17.36
CA ARG A 152 11.37 17.14 17.97
C ARG A 152 12.77 17.70 17.76
N SER A 153 13.55 17.75 18.84
CA SER A 153 14.93 18.20 18.74
C SER A 153 15.76 17.70 19.92
N GLU A 154 17.03 17.42 19.65
CA GLU A 154 17.96 17.04 20.70
C GLU A 154 18.21 18.23 21.62
N ASN A 155 18.20 19.42 21.02
CA ASN A 155 18.35 20.68 21.75
C ASN A 155 17.91 21.85 20.88
N LEU A 156 16.76 22.43 21.22
CA LEU A 156 16.14 23.46 20.40
C LEU A 156 16.90 24.79 20.41
N THR A 157 17.55 25.10 21.54
CA THR A 157 18.32 26.33 21.63
C THR A 157 19.65 26.19 20.90
N ASN A 158 20.03 24.95 20.60
CA ASN A 158 21.19 24.69 19.76
C ASN A 158 20.76 24.62 18.30
N ASN A 159 20.97 25.71 17.58
CA ASN A 159 20.52 25.81 16.20
C ASN A 159 21.21 24.84 15.24
N ALA A 160 22.27 24.20 15.73
CA ALA A 160 23.03 23.25 14.93
C ALA A 160 22.37 21.87 14.92
N LYS A 161 21.42 21.66 15.82
CA LYS A 161 20.71 20.39 15.90
C LYS A 161 19.51 20.37 14.96
N THR A 162 19.32 19.25 14.28
CA THR A 162 18.25 19.09 13.30
C THR A 162 16.88 19.00 13.98
N ILE A 163 15.92 19.75 13.46
CA ILE A 163 14.56 19.73 13.99
C ILE A 163 13.67 18.83 13.12
N ILE A 164 12.93 17.94 13.78
CA ILE A 164 11.98 17.08 13.08
C ILE A 164 10.55 17.51 13.37
N VAL A 165 9.83 17.88 12.31
CA VAL A 165 8.43 18.25 12.44
C VAL A 165 7.53 17.07 12.07
N HIS A 166 6.80 16.57 13.06
CA HIS A 166 5.87 15.46 12.82
C HIS A 166 4.47 16.01 12.58
N LEU A 167 3.99 15.87 11.35
CA LEU A 167 2.70 16.40 10.94
C LEU A 167 1.55 15.51 11.40
N ASN A 168 0.37 16.10 11.50
CA ASN A 168 -0.83 15.37 11.89
C ASN A 168 -1.69 15.03 10.69
N GLU A 169 -1.49 15.78 9.61
CA GLU A 169 -2.22 15.56 8.37
C GLU A 169 -1.26 15.65 7.20
N SER A 170 -1.18 14.58 6.42
CA SER A 170 -0.21 14.49 5.34
C SER A 170 -0.48 15.49 4.23
N VAL A 171 0.58 15.89 3.52
CA VAL A 171 0.42 16.75 2.36
C VAL A 171 0.87 16.02 1.10
N ASN A 172 -0.08 15.71 0.23
CA ASN A 172 0.22 14.94 -0.98
C ASN A 172 1.17 15.67 -1.91
N ILE A 173 2.16 14.94 -2.43
CA ILE A 173 3.10 15.48 -3.39
C ILE A 173 3.24 14.53 -4.57
N VAL A 174 3.13 15.05 -5.79
CA VAL A 174 3.19 14.19 -6.97
C VAL A 174 4.33 14.58 -7.91
N CYS A 175 5.40 13.79 -7.89
CA CYS A 175 6.54 14.05 -8.76
C CYS A 175 6.44 13.20 -10.02
N THR A 176 6.87 13.76 -11.15
CA THR A 176 6.72 13.07 -12.42
C THR A 176 7.72 13.54 -13.47
N ARG A 177 8.30 12.56 -14.17
CA ARG A 177 9.01 12.82 -15.41
C ARG A 177 8.15 12.29 -16.54
N PRO A 178 7.52 13.20 -17.30
CA PRO A 178 6.56 12.87 -18.36
C PRO A 178 7.19 12.09 -19.52
N ASN A 179 6.35 11.36 -20.25
CA ASN A 179 6.82 10.54 -21.36
C ASN A 179 7.32 11.39 -22.53
N ASN A 188 13.50 17.18 -22.74
CA ASN A 188 14.56 16.83 -21.81
C ASN A 188 14.18 15.61 -20.96
N ILE A 189 14.95 14.54 -21.09
CA ILE A 189 14.65 13.29 -20.41
C ILE A 189 15.08 13.28 -18.95
N ARG A 190 15.67 14.37 -18.49
CA ARG A 190 16.09 14.48 -17.10
C ARG A 190 15.30 15.55 -16.37
N GLN A 191 14.43 16.24 -17.11
CA GLN A 191 13.58 17.26 -16.52
C GLN A 191 12.30 16.64 -15.95
N ALA A 192 12.11 16.80 -14.65
CA ALA A 192 10.91 16.32 -13.98
C ALA A 192 10.30 17.45 -13.18
N HIS A 193 9.15 17.19 -12.53
CA HIS A 193 8.56 18.22 -11.67
C HIS A 193 7.59 17.65 -10.64
N CYS A 194 7.50 18.32 -9.49
CA CYS A 194 6.57 17.94 -8.43
C CYS A 194 5.41 18.89 -8.35
N ASN A 195 4.23 18.37 -8.00
CA ASN A 195 3.06 19.19 -7.78
C ASN A 195 2.55 19.05 -6.34
N ILE A 196 2.28 20.20 -5.73
CA ILE A 196 1.76 20.27 -4.37
C ILE A 196 0.62 21.27 -4.29
N ASN A 197 -0.48 20.88 -3.66
CA ASN A 197 -1.61 21.79 -3.45
C ASN A 197 -1.24 22.90 -2.47
N GLU A 198 -1.33 24.15 -2.90
CA GLU A 198 -0.86 25.28 -2.10
C GLU A 198 -1.70 25.50 -0.84
N SER A 199 -2.97 25.08 -0.87
CA SER A 199 -3.85 25.28 0.28
C SER A 199 -3.41 24.42 1.46
N LYS A 200 -3.22 23.13 1.20
CA LYS A 200 -2.76 22.19 2.22
C LYS A 200 -1.42 22.64 2.80
N TRP A 201 -0.58 23.20 1.94
CA TRP A 201 0.75 23.63 2.35
C TRP A 201 0.70 24.90 3.19
N ASN A 202 -0.20 25.82 2.83
CA ASN A 202 -0.41 27.03 3.61
C ASN A 202 -0.95 26.70 4.99
N ASN A 203 -1.95 25.84 5.04
CA ASN A 203 -2.51 25.38 6.30
C ASN A 203 -1.44 24.72 7.16
N THR A 204 -0.67 23.83 6.53
CA THR A 204 0.38 23.11 7.20
C THR A 204 1.44 24.04 7.80
N LEU A 205 1.87 25.03 7.03
CA LEU A 205 2.89 25.95 7.52
C LEU A 205 2.31 26.99 8.47
N GLN A 206 0.99 27.09 8.49
CA GLN A 206 0.30 27.89 9.49
C GLN A 206 0.40 27.17 10.83
N LYS A 207 0.00 25.90 10.84
CA LYS A 207 0.04 25.09 12.05
C LYS A 207 1.47 24.90 12.58
N VAL A 208 2.38 24.53 11.68
CA VAL A 208 3.79 24.42 12.03
C VAL A 208 4.32 25.77 12.48
N GLY A 209 3.81 26.82 11.85
CA GLY A 209 4.16 28.19 12.21
C GLY A 209 3.85 28.53 13.66
N GLU A 210 2.64 28.19 14.09
CA GLU A 210 2.26 28.49 15.48
C GLU A 210 2.91 27.53 16.47
N GLU A 211 3.08 26.27 16.07
CA GLU A 211 3.75 25.30 16.93
C GLU A 211 5.21 25.71 17.18
N LEU A 212 5.81 26.35 16.19
CA LEU A 212 7.14 26.92 16.34
C LEU A 212 7.08 28.22 17.12
N ALA A 213 5.96 28.94 16.96
CA ALA A 213 5.77 30.20 17.67
C ALA A 213 5.71 29.99 19.17
N LYS A 214 5.19 28.83 19.59
CA LYS A 214 5.13 28.51 21.01
C LYS A 214 6.53 28.34 21.61
N HIS A 215 7.41 27.64 20.90
CA HIS A 215 8.76 27.35 21.41
C HIS A 215 9.67 28.58 21.32
N PHE A 216 9.36 29.49 20.41
CA PHE A 216 10.12 30.73 20.27
C PHE A 216 9.15 31.89 20.45
N PRO A 217 9.17 32.53 21.64
CA PRO A 217 8.05 33.35 22.12
C PRO A 217 7.63 34.48 21.16
N SER A 218 8.28 35.64 21.19
CA SER A 218 7.80 36.76 20.41
C SER A 218 8.69 37.06 19.20
N LYS A 219 8.78 36.10 18.28
CA LYS A 219 9.63 36.26 17.10
C LYS A 219 8.85 36.15 15.79
N THR A 220 9.29 36.92 14.79
CA THR A 220 8.81 36.74 13.43
C THR A 220 9.44 35.47 12.87
N ILE A 221 8.61 34.47 12.58
CA ILE A 221 9.15 33.16 12.21
C ILE A 221 9.08 32.92 10.71
N LYS A 222 10.25 32.96 10.06
CA LYS A 222 10.33 32.83 8.62
C LYS A 222 10.74 31.43 8.16
N PHE A 223 10.27 31.05 6.97
CA PHE A 223 10.68 29.83 6.31
C PHE A 223 11.38 30.17 5.01
N GLU A 224 12.68 29.88 4.94
CA GLU A 224 13.49 30.19 3.76
C GLU A 224 14.20 28.93 3.23
N PRO A 225 14.56 28.93 1.94
CA PRO A 225 15.24 27.78 1.34
C PRO A 225 16.61 27.49 1.96
N SER A 226 17.18 26.32 1.66
CA SER A 226 18.47 25.93 2.18
C SER A 226 19.58 26.85 1.69
N SER A 227 20.45 27.26 2.60
CA SER A 227 21.51 28.24 2.33
C SER A 227 22.42 27.85 1.17
N GLY A 228 22.91 26.62 1.19
CA GLY A 228 23.81 26.14 0.17
C GLY A 228 24.45 24.81 0.54
N GLY A 229 25.31 24.32 -0.35
CA GLY A 229 25.95 23.04 -0.15
C GLY A 229 25.64 22.07 -1.27
N ASP A 230 25.75 20.77 -0.99
CA ASP A 230 25.48 19.75 -1.99
C ASP A 230 24.01 19.72 -2.38
N LEU A 231 23.74 19.40 -3.64
CA LEU A 231 22.37 19.39 -4.17
C LEU A 231 21.45 18.44 -3.40
N GLU A 232 22.05 17.44 -2.75
CA GLU A 232 21.28 16.46 -1.98
C GLU A 232 20.53 17.11 -0.83
N ILE A 233 21.12 18.15 -0.24
CA ILE A 233 20.52 18.79 0.93
C ILE A 233 19.92 20.15 0.62
N THR A 234 20.36 20.77 -0.49
CA THR A 234 19.84 22.06 -0.88
C THR A 234 18.52 21.91 -1.65
N THR A 235 18.25 20.67 -2.07
CA THR A 235 17.00 20.35 -2.74
C THR A 235 16.31 19.21 -2.02
N HIS A 236 15.02 19.04 -2.29
CA HIS A 236 14.33 17.84 -1.85
C HIS A 236 14.77 16.68 -2.72
N SER A 237 15.75 15.92 -2.23
CA SER A 237 16.27 14.78 -2.96
C SER A 237 15.64 13.50 -2.45
N PHE A 238 15.34 12.59 -3.36
CA PHE A 238 14.70 11.32 -2.99
C PHE A 238 14.82 10.33 -4.14
N ASN A 239 14.44 9.08 -3.88
CA ASN A 239 14.50 8.05 -4.93
C ASN A 239 13.13 7.60 -5.38
N CYS A 240 12.83 7.82 -6.65
CA CYS A 240 11.57 7.37 -7.24
C CYS A 240 11.83 6.33 -8.31
N ARG A 241 11.37 5.10 -8.05
CA ARG A 241 11.51 3.99 -8.99
CA ARG A 241 11.51 3.99 -8.99
C ARG A 241 12.95 3.80 -9.45
N GLY A 242 13.88 3.88 -8.51
CA GLY A 242 15.29 3.67 -8.81
C GLY A 242 16.00 4.88 -9.39
N GLU A 243 15.25 5.93 -9.70
CA GLU A 243 15.86 7.15 -10.24
C GLU A 243 16.01 8.20 -9.16
N PHE A 244 17.14 8.90 -9.19
CA PHE A 244 17.45 9.90 -8.15
C PHE A 244 16.96 11.29 -8.53
N PHE A 245 15.89 11.71 -7.85
CA PHE A 245 15.25 12.99 -8.07
C PHE A 245 15.79 14.08 -7.15
N TYR A 246 16.11 15.22 -7.74
CA TYR A 246 16.51 16.42 -7.00
C TYR A 246 15.55 17.56 -7.31
N CYS A 247 14.69 17.91 -6.36
CA CYS A 247 13.63 18.89 -6.64
C CYS A 247 13.81 20.21 -5.88
N ASN A 248 13.87 21.30 -6.64
CA ASN A 248 14.03 22.63 -6.06
C ASN A 248 12.84 23.01 -5.18
N THR A 249 13.13 23.51 -3.99
CA THR A 249 12.08 23.86 -3.03
C THR A 249 12.13 25.31 -2.60
N SER A 250 12.59 26.18 -3.49
CA SER A 250 12.68 27.60 -3.19
C SER A 250 11.31 28.25 -3.13
N ASP A 251 10.33 27.63 -3.80
CA ASP A 251 8.96 28.13 -3.79
C ASP A 251 8.12 27.37 -2.76
N LEU A 252 8.74 26.41 -2.07
CA LEU A 252 8.03 25.61 -1.08
C LEU A 252 8.29 26.17 0.32
N PHE A 253 9.57 26.25 0.69
CA PHE A 253 9.95 26.85 1.97
C PHE A 253 10.19 28.35 1.80
N ASN A 254 9.11 29.08 1.52
CA ASN A 254 9.20 30.51 1.30
C ASN A 254 7.99 31.19 1.93
N GLY A 255 8.08 31.51 3.22
CA GLY A 255 6.93 32.07 3.92
C GLY A 255 7.26 32.83 5.19
N THR A 256 6.25 33.50 5.74
CA THR A 256 6.42 34.27 6.97
C THR A 256 5.23 34.10 7.92
N TYR A 257 5.52 33.63 9.12
CA TYR A 257 4.52 33.54 10.17
C TYR A 257 4.73 34.63 11.20
N ARG A 258 3.68 35.43 11.40
CA ARG A 258 3.75 36.56 12.33
C ARG A 258 2.36 36.91 12.86
N ASN A 259 2.31 37.35 14.11
CA ASN A 259 1.08 37.67 14.84
C ASN A 259 -0.08 36.72 14.52
N GLY A 260 0.18 35.43 14.63
CA GLY A 260 -0.86 34.43 14.50
C GLY A 260 -1.36 34.17 13.09
N THR A 261 -0.66 34.67 12.09
CA THR A 261 -1.06 34.41 10.70
C THR A 261 0.14 34.15 9.80
N TYR A 262 -0.09 33.35 8.76
CA TYR A 262 0.98 32.95 7.83
C TYR A 262 0.78 33.53 6.44
N ASN A 263 1.89 33.82 5.77
CA ASN A 263 1.88 34.32 4.40
C ASN A 263 2.89 33.56 3.55
N HIS A 264 2.39 32.84 2.54
CA HIS A 264 3.28 32.14 1.63
C HIS A 264 3.81 33.09 0.56
N THR A 265 5.11 33.32 0.57
CA THR A 265 5.73 34.26 -0.34
C THR A 265 6.40 33.53 -1.51
N GLY A 266 6.21 32.21 -1.57
CA GLY A 266 6.72 31.42 -2.68
C GLY A 266 5.76 31.44 -3.85
N ARG A 267 6.27 31.22 -5.05
CA ARG A 267 5.43 31.29 -6.25
C ARG A 267 4.52 30.07 -6.40
N SER A 268 3.32 30.32 -6.89
CA SER A 268 2.33 29.27 -7.13
C SER A 268 1.48 29.66 -8.33
N SER A 269 0.93 28.65 -9.02
CA SER A 269 0.09 28.91 -10.18
C SER A 269 -1.23 28.16 -10.09
N ASN A 270 -2.32 28.92 -10.07
CA ASN A 270 -3.67 28.37 -9.93
C ASN A 270 -3.79 27.48 -8.70
N GLY A 271 -3.18 27.91 -7.60
CA GLY A 271 -3.28 27.19 -6.34
C GLY A 271 -2.38 25.98 -6.25
N THR A 272 -1.41 25.89 -7.15
CA THR A 272 -0.48 24.75 -7.13
C THR A 272 0.97 25.20 -7.14
N ILE A 273 1.74 24.71 -6.17
CA ILE A 273 3.17 24.91 -6.15
C ILE A 273 3.85 23.80 -6.95
N THR A 274 4.69 24.19 -7.90
CA THR A 274 5.40 23.23 -8.73
C THR A 274 6.91 23.32 -8.50
N LEU A 275 7.50 22.19 -8.13
CA LEU A 275 8.94 22.10 -7.93
C LEU A 275 9.62 21.64 -9.21
N GLN A 276 10.63 22.39 -9.65
CA GLN A 276 11.41 21.96 -10.81
C GLN A 276 12.43 20.91 -10.37
N CYS A 277 12.33 19.73 -10.96
CA CYS A 277 13.16 18.59 -10.56
C CYS A 277 14.11 18.13 -11.64
N LYS A 278 15.21 17.52 -11.21
CA LYS A 278 16.23 17.00 -12.11
C LYS A 278 16.64 15.61 -11.66
N ILE A 279 16.57 14.64 -12.56
CA ILE A 279 17.05 13.29 -12.27
C ILE A 279 18.55 13.21 -12.54
N LYS A 280 19.33 12.96 -11.50
CA LYS A 280 20.78 13.01 -11.64
C LYS A 280 21.43 11.63 -11.69
N GLN A 281 22.60 11.57 -12.33
CA GLN A 281 23.37 10.33 -12.40
C GLN A 281 24.47 10.34 -11.36
N ILE A 282 25.00 11.51 -11.07
CA ILE A 282 26.04 11.67 -10.06
C ILE A 282 25.45 12.07 -8.72
N ILE A 283 25.52 11.18 -7.75
CA ILE A 283 24.98 11.49 -6.42
C ILE A 283 26.08 11.44 -5.36
N ASN A 284 25.93 12.27 -4.33
CA ASN A 284 26.76 12.16 -3.14
C ASN A 284 26.10 11.17 -2.19
N MET A 285 26.79 10.08 -1.90
CA MET A 285 26.20 8.98 -1.14
C MET A 285 25.87 9.38 0.29
N TRP A 286 24.77 8.83 0.81
CA TRP A 286 24.35 9.08 2.18
C TRP A 286 24.90 8.00 3.11
N GLN A 287 25.18 6.83 2.55
CA GLN A 287 25.70 5.71 3.32
C GLN A 287 27.11 6.00 3.81
N GLU A 288 27.94 6.53 2.90
CA GLU A 288 29.33 6.83 3.21
C GLU A 288 29.78 8.07 2.46
N VAL A 289 30.94 8.60 2.83
CA VAL A 289 31.49 9.75 2.12
C VAL A 289 32.08 9.32 0.78
N GLY A 290 31.39 9.65 -0.30
CA GLY A 290 31.83 9.30 -1.63
C GLY A 290 30.74 9.57 -2.65
N ARG A 291 31.05 9.32 -3.93
CA ARG A 291 30.09 9.56 -4.98
C ARG A 291 29.69 8.28 -5.71
N ALA A 292 28.43 8.23 -6.12
CA ALA A 292 27.92 7.10 -6.89
C ALA A 292 27.40 7.58 -8.23
N ILE A 293 27.71 6.81 -9.28
CA ILE A 293 27.27 7.16 -10.63
C ILE A 293 26.43 6.03 -11.22
N TYR A 294 25.24 6.39 -11.67
CA TYR A 294 24.27 5.43 -12.20
C TYR A 294 23.99 5.68 -13.67
N ALA A 295 23.17 4.82 -14.26
CA ALA A 295 22.83 4.91 -15.68
C ALA A 295 21.76 5.96 -15.93
N PRO A 296 21.70 6.48 -17.17
CA PRO A 296 20.64 7.42 -17.60
C PRO A 296 19.24 6.91 -17.25
N PRO A 297 18.28 7.83 -17.07
CA PRO A 297 16.93 7.46 -16.62
C PRO A 297 16.22 6.50 -17.58
N ILE A 298 15.37 5.65 -17.03
CA ILE A 298 14.57 4.73 -17.84
C ILE A 298 13.57 5.51 -18.70
N GLU A 299 13.00 4.84 -19.70
CA GLU A 299 12.02 5.48 -20.56
C GLU A 299 10.61 5.34 -19.99
N GLY A 300 9.70 6.17 -20.47
CA GLY A 300 8.33 6.15 -20.00
C GLY A 300 8.05 7.20 -18.93
N GLU A 301 6.83 7.18 -18.40
CA GLU A 301 6.44 8.10 -17.35
C GLU A 301 6.97 7.65 -16.00
N ILE A 302 7.82 8.47 -15.38
CA ILE A 302 8.38 8.14 -14.07
C ILE A 302 7.72 8.96 -12.98
N THR A 303 6.69 8.42 -12.35
CA THR A 303 5.91 9.18 -11.39
C THR A 303 5.82 8.55 -10.01
N CYS A 304 6.03 9.37 -8.98
CA CYS A 304 5.84 8.97 -7.60
C CYS A 304 4.78 9.84 -6.93
N ASN A 305 3.75 9.18 -6.40
CA ASN A 305 2.71 9.86 -5.64
C ASN A 305 2.90 9.59 -4.16
N SER A 306 3.44 10.56 -3.44
CA SER A 306 3.82 10.34 -2.05
C SER A 306 3.07 11.25 -1.08
N ASN A 307 3.20 10.96 0.21
CA ASN A 307 2.62 11.80 1.26
C ASN A 307 3.69 12.40 2.15
N ILE A 308 3.72 13.73 2.20
CA ILE A 308 4.59 14.44 3.12
C ILE A 308 4.04 14.31 4.53
N THR A 309 4.77 13.59 5.38
CA THR A 309 4.33 13.31 6.74
C THR A 309 5.23 13.98 7.77
N GLY A 310 6.32 14.58 7.30
CA GLY A 310 7.27 15.21 8.19
C GLY A 310 8.19 16.22 7.54
N LEU A 311 8.74 17.12 8.34
CA LEU A 311 9.67 18.13 7.85
C LEU A 311 11.03 18.01 8.57
N LEU A 312 12.09 18.37 7.86
CA LEU A 312 13.42 18.43 8.46
C LEU A 312 13.96 19.84 8.35
N LEU A 313 14.11 20.49 9.50
CA LEU A 313 14.47 21.91 9.52
C LEU A 313 15.75 22.20 10.29
N LEU A 314 16.32 23.38 10.02
CA LEU A 314 17.48 23.89 10.70
C LEU A 314 17.28 25.38 10.95
N ARG A 315 17.43 25.81 12.21
CA ARG A 315 17.27 27.21 12.55
C ARG A 315 18.59 27.96 12.39
N ASP A 316 18.51 29.19 11.89
CA ASP A 316 19.70 30.01 11.69
C ASP A 316 20.26 30.51 13.02
N ASP A 323 15.11 39.57 16.54
CA ASP A 323 14.11 40.13 15.65
C ASP A 323 13.33 39.00 14.96
N THR A 324 14.05 38.13 14.26
CA THR A 324 13.41 37.09 13.47
C THR A 324 14.12 35.74 13.58
N GLU A 325 13.33 34.67 13.61
CA GLU A 325 13.86 33.31 13.62
C GLU A 325 13.61 32.65 12.27
N THR A 326 14.70 32.28 11.58
CA THR A 326 14.59 31.74 10.23
C THR A 326 14.89 30.24 10.19
N PHE A 327 14.01 29.50 9.52
CA PHE A 327 14.15 28.06 9.41
C PHE A 327 14.35 27.63 7.95
N ARG A 328 15.28 26.72 7.72
CA ARG A 328 15.59 26.24 6.37
C ARG A 328 15.49 24.73 6.31
N PRO A 329 15.15 24.17 5.14
CA PRO A 329 15.04 22.71 5.05
C PRO A 329 16.40 22.03 5.21
N GLY A 330 16.44 20.95 5.97
CA GLY A 330 17.68 20.25 6.24
C GLY A 330 17.69 18.82 5.73
N GLY A 331 18.49 17.97 6.37
CA GLY A 331 18.59 16.57 5.97
C GLY A 331 20.01 16.20 5.57
N GLY A 332 20.20 14.93 5.21
CA GLY A 332 21.51 14.42 4.85
C GLY A 332 21.89 13.22 5.69
N ASP A 333 21.51 13.27 6.96
CA ASP A 333 21.73 12.16 7.87
C ASP A 333 20.45 11.34 8.00
N MET A 334 20.40 10.21 7.31
CA MET A 334 19.20 9.38 7.25
C MET A 334 18.82 8.77 8.60
N ARG A 335 19.77 8.81 9.54
CA ARG A 335 19.52 8.33 10.88
C ARG A 335 18.39 9.12 11.53
N ASP A 336 18.25 10.39 11.14
CA ASP A 336 17.13 11.20 11.60
C ASP A 336 15.83 10.76 10.94
N ASN A 337 15.93 10.36 9.67
CA ASN A 337 14.78 9.81 8.95
C ASN A 337 14.26 8.56 9.65
N TRP A 338 15.17 7.74 10.15
CA TRP A 338 14.76 6.56 10.91
C TRP A 338 14.27 6.96 12.30
N ARG A 339 14.84 8.04 12.83
CA ARG A 339 14.45 8.55 14.15
C ARG A 339 13.01 9.05 14.16
N SER A 340 12.56 9.58 13.02
CA SER A 340 11.22 10.14 12.92
C SER A 340 10.14 9.08 13.11
N GLU A 341 10.52 7.81 12.94
CA GLU A 341 9.59 6.71 13.09
C GLU A 341 9.92 5.85 14.31
N LEU A 342 11.19 5.83 14.70
CA LEU A 342 11.63 4.99 15.81
C LEU A 342 11.65 5.71 17.15
N TYR A 343 11.04 6.89 17.21
CA TYR A 343 11.10 7.71 18.41
C TYR A 343 10.33 7.13 19.60
N LYS A 344 9.28 6.36 19.31
CA LYS A 344 8.44 5.82 20.38
C LYS A 344 8.93 4.48 20.91
N TYR A 345 9.96 3.91 20.29
CA TYR A 345 10.42 2.59 20.69
C TYR A 345 11.71 2.62 21.49
N LYS A 346 11.95 1.54 22.24
CA LYS A 346 13.13 1.41 23.09
C LYS A 346 13.40 -0.06 23.43
N VAL A 347 14.57 -0.55 23.04
CA VAL A 347 14.96 -1.93 23.32
C VAL A 347 15.26 -2.11 24.80
N VAL A 348 14.64 -3.12 25.41
CA VAL A 348 14.78 -3.34 26.84
C VAL A 348 15.10 -4.79 27.20
N GLU A 349 15.71 -4.96 28.36
CA GLU A 349 16.03 -6.28 28.91
C GLU A 349 14.93 -6.78 29.84
N ILE A 350 14.83 -8.09 29.97
CA ILE A 350 13.87 -8.70 30.88
C ILE A 350 14.58 -9.41 32.02
N LYS B 1 -9.57 -16.36 -30.33
CA LYS B 1 -9.38 -17.16 -29.12
C LYS B 1 -8.34 -18.27 -29.34
N THR B 2 -7.80 -18.77 -28.24
CA THR B 2 -6.87 -19.90 -28.28
C THR B 2 -6.88 -20.65 -26.96
N THR B 3 -5.92 -21.56 -26.79
CA THR B 3 -5.76 -22.26 -25.53
C THR B 3 -4.57 -21.69 -24.76
N LEU B 4 -4.87 -20.81 -23.81
CA LEU B 4 -3.84 -20.16 -23.00
C LEU B 4 -3.15 -21.16 -22.07
N PHE B 5 -1.98 -20.79 -21.58
CA PHE B 5 -1.26 -21.62 -20.61
C PHE B 5 -0.73 -20.76 -19.48
N CYS B 6 -0.64 -21.32 -18.28
CA CYS B 6 -0.28 -20.54 -17.11
C CYS B 6 1.21 -20.57 -16.78
N ALA B 7 1.67 -19.53 -16.09
CA ALA B 7 3.05 -19.44 -15.65
C ALA B 7 3.12 -18.88 -14.23
N SER B 8 3.99 -19.44 -13.39
CA SER B 8 4.04 -19.04 -11.99
C SER B 8 5.41 -19.24 -11.35
N ASP B 9 5.56 -18.71 -10.14
CA ASP B 9 6.76 -18.92 -9.35
C ASP B 9 6.48 -20.01 -8.34
N ALA B 10 5.62 -20.94 -8.76
CA ALA B 10 5.23 -22.04 -7.91
C ALA B 10 6.45 -22.93 -7.66
N LYS B 11 6.46 -23.59 -6.51
CA LYS B 11 7.64 -24.13 -5.88
C LYS B 11 7.35 -25.55 -5.44
N ALA B 12 8.14 -26.49 -5.94
CA ALA B 12 7.78 -27.89 -5.92
C ALA B 12 7.94 -28.55 -4.56
N TYR B 13 8.67 -27.91 -3.65
CA TYR B 13 8.81 -28.54 -2.34
C TYR B 13 7.83 -27.92 -1.34
N GLU B 14 6.95 -27.05 -1.83
CA GLU B 14 5.91 -26.47 -1.01
C GLU B 14 4.67 -27.35 -1.05
N LYS B 15 4.10 -27.62 0.12
CA LYS B 15 2.93 -28.47 0.22
C LYS B 15 1.64 -27.66 0.19
N GLU B 16 1.77 -26.34 0.10
CA GLU B 16 0.62 -25.47 -0.09
C GLU B 16 -0.02 -25.82 -1.42
N VAL B 17 -1.33 -26.03 -1.40
CA VAL B 17 -2.04 -26.66 -2.52
C VAL B 17 -1.99 -25.89 -3.84
N HIS B 18 -1.97 -24.57 -3.78
CA HIS B 18 -1.83 -23.76 -4.99
C HIS B 18 -0.52 -24.08 -5.68
N ASN B 19 0.53 -24.24 -4.89
CA ASN B 19 1.84 -24.60 -5.42
C ASN B 19 1.83 -26.02 -5.98
N VAL B 20 1.20 -26.94 -5.26
CA VAL B 20 1.09 -28.32 -5.69
C VAL B 20 0.42 -28.42 -7.06
N TRP B 21 -0.65 -27.65 -7.25
CA TRP B 21 -1.37 -27.64 -8.51
C TRP B 21 -0.56 -26.95 -9.61
N ALA B 22 0.00 -25.78 -9.29
CA ALA B 22 0.69 -24.98 -10.27
C ALA B 22 1.97 -25.65 -10.79
N THR B 23 2.61 -26.45 -9.94
CA THR B 23 3.83 -27.15 -10.35
C THR B 23 3.57 -28.16 -11.46
N HIS B 24 2.42 -28.83 -11.39
CA HIS B 24 2.10 -29.86 -12.37
C HIS B 24 1.18 -29.36 -13.47
N ALA B 25 0.69 -28.14 -13.33
CA ALA B 25 -0.25 -27.59 -14.31
C ALA B 25 0.29 -26.37 -15.05
N CYS B 26 1.29 -25.71 -14.48
CA CYS B 26 1.81 -24.48 -15.07
C CYS B 26 3.26 -24.60 -15.54
N VAL B 27 3.80 -23.47 -15.97
CA VAL B 27 5.14 -23.40 -16.55
C VAL B 27 5.94 -22.37 -15.78
N PRO B 28 7.25 -22.62 -15.57
CA PRO B 28 8.08 -21.62 -14.90
C PRO B 28 7.90 -20.22 -15.52
N THR B 29 7.65 -19.20 -14.70
CA THR B 29 7.59 -17.84 -15.24
C THR B 29 8.90 -17.56 -15.96
N ASP B 30 8.91 -16.51 -16.77
CA ASP B 30 9.99 -16.34 -17.72
C ASP B 30 10.74 -15.08 -17.34
N PRO B 31 12.03 -15.22 -17.07
CA PRO B 31 12.89 -14.10 -16.68
C PRO B 31 12.86 -12.94 -17.68
N ASN B 32 12.18 -13.05 -18.82
CA ASN B 32 12.45 -12.11 -19.89
C ASN B 32 11.27 -11.20 -20.28
N PRO B 33 10.48 -10.68 -19.30
CA PRO B 33 9.26 -10.01 -19.82
C PRO B 33 9.59 -8.85 -20.75
N GLN B 34 9.07 -8.96 -21.97
CA GLN B 34 9.33 -8.00 -23.03
C GLN B 34 8.02 -7.39 -23.51
N GLU B 35 7.79 -6.14 -23.10
CA GLU B 35 6.58 -5.41 -23.45
C GLU B 35 6.76 -4.62 -24.75
N MET B 36 5.76 -4.70 -25.62
CA MET B 36 5.78 -4.05 -26.93
C MET B 36 4.84 -2.84 -26.99
N VAL B 37 5.34 -1.66 -26.66
CA VAL B 37 4.52 -0.46 -26.71
C VAL B 37 4.06 -0.17 -28.13
N LEU B 38 2.82 0.27 -28.31
CA LEU B 38 2.32 0.54 -29.65
C LEU B 38 1.74 1.94 -29.87
N ALA B 39 2.18 2.57 -30.97
CA ALA B 39 1.66 3.87 -31.38
C ALA B 39 0.67 3.69 -32.54
N ASN B 40 -0.40 4.47 -32.53
CA ASN B 40 -1.40 4.53 -33.60
C ASN B 40 -2.28 3.27 -33.65
N VAL B 41 -2.49 2.65 -32.48
CA VAL B 41 -3.28 1.42 -32.43
C VAL B 41 -4.48 1.41 -31.45
N THR B 42 -5.65 1.86 -31.91
CA THR B 42 -6.89 1.58 -31.17
C THR B 42 -7.31 0.15 -31.23
N GLU B 43 -7.57 -0.42 -30.06
CA GLU B 43 -8.39 -1.60 -30.03
C GLU B 43 -9.51 -1.35 -29.04
N ASN B 44 -10.64 -1.99 -29.29
CA ASN B 44 -11.80 -1.88 -28.43
C ASN B 44 -11.84 -3.04 -27.46
N PHE B 45 -12.17 -2.75 -26.21
CA PHE B 45 -12.16 -3.75 -25.16
C PHE B 45 -13.55 -3.96 -24.59
N ASN B 46 -13.79 -5.18 -24.14
CA ASN B 46 -15.00 -5.52 -23.41
C ASN B 46 -14.66 -6.59 -22.38
N MET B 47 -14.33 -6.13 -21.17
CA MET B 47 -13.92 -7.02 -20.08
C MET B 47 -15.00 -8.04 -19.73
N TRP B 48 -16.25 -7.72 -20.09
CA TRP B 48 -17.38 -8.55 -19.73
C TRP B 48 -17.60 -9.66 -20.76
N LYS B 49 -16.88 -9.59 -21.88
CA LYS B 49 -16.92 -10.64 -22.89
C LYS B 49 -15.50 -11.05 -23.26
N ASN B 50 -14.84 -11.74 -22.34
CA ASN B 50 -13.45 -12.16 -22.51
C ASN B 50 -13.29 -13.62 -22.10
N ASP B 51 -12.85 -14.45 -23.05
CA ASP B 51 -12.77 -15.89 -22.82
C ASP B 51 -11.64 -16.26 -21.85
N MET B 52 -10.64 -15.39 -21.74
CA MET B 52 -9.54 -15.60 -20.80
C MET B 52 -10.10 -15.77 -19.39
N VAL B 53 -11.15 -15.01 -19.09
CA VAL B 53 -11.86 -15.13 -17.83
C VAL B 53 -12.46 -16.52 -17.65
N GLU B 54 -13.00 -17.08 -18.73
CA GLU B 54 -13.59 -18.41 -18.68
C GLU B 54 -12.55 -19.51 -18.48
N GLN B 55 -11.43 -19.41 -19.18
CA GLN B 55 -10.35 -20.38 -19.02
C GLN B 55 -9.83 -20.34 -17.59
N MET B 56 -9.52 -19.13 -17.13
CA MET B 56 -9.06 -18.91 -15.77
C MET B 56 -10.04 -19.53 -14.78
N HIS B 57 -11.31 -19.20 -14.94
CA HIS B 57 -12.37 -19.73 -14.09
C HIS B 57 -12.34 -21.24 -14.05
N GLU B 58 -12.21 -21.86 -15.22
CA GLU B 58 -12.24 -23.32 -15.32
C GLU B 58 -11.09 -24.00 -14.61
N ASP B 59 -9.87 -23.48 -14.76
CA ASP B 59 -8.75 -24.15 -14.09
C ASP B 59 -8.57 -23.71 -12.64
N ILE B 60 -9.26 -22.64 -12.24
CA ILE B 60 -9.37 -22.34 -10.82
C ILE B 60 -10.36 -23.34 -10.22
N ILE B 61 -11.37 -23.72 -11.01
CA ILE B 61 -12.28 -24.78 -10.60
C ILE B 61 -11.53 -26.10 -10.46
N SER B 62 -10.66 -26.40 -11.42
CA SER B 62 -9.82 -27.59 -11.34
C SER B 62 -8.93 -27.55 -10.09
N LEU B 63 -8.29 -26.41 -9.89
CA LEU B 63 -7.45 -26.17 -8.72
C LEU B 63 -8.18 -26.46 -7.41
N TRP B 64 -9.35 -25.85 -7.24
CA TRP B 64 -10.15 -26.05 -6.04
C TRP B 64 -10.62 -27.49 -5.89
N ASP B 65 -10.98 -28.10 -7.02
CA ASP B 65 -11.50 -29.47 -7.04
C ASP B 65 -10.44 -30.45 -6.54
N GLU B 66 -9.19 -30.21 -6.91
CA GLU B 66 -8.10 -31.10 -6.49
C GLU B 66 -7.55 -30.73 -5.11
N SER B 67 -7.65 -29.46 -4.75
CA SER B 67 -7.06 -28.96 -3.51
C SER B 67 -7.99 -29.08 -2.30
N LEU B 68 -9.10 -28.34 -2.34
CA LEU B 68 -10.06 -28.36 -1.24
C LEU B 68 -11.12 -29.43 -1.46
N LYS B 69 -10.83 -30.64 -0.97
CA LYS B 69 -11.76 -31.75 -1.10
C LYS B 69 -12.70 -31.80 0.09
N PRO B 70 -14.00 -31.54 -0.16
CA PRO B 70 -15.00 -31.57 0.90
C PRO B 70 -15.28 -32.99 1.37
N CYS B 71 -15.68 -33.16 2.63
CA CYS B 71 -16.07 -34.47 3.13
C CYS B 71 -17.25 -34.97 2.33
N VAL B 72 -18.19 -34.06 2.06
CA VAL B 72 -19.34 -34.39 1.23
C VAL B 72 -19.51 -33.36 0.12
N LYS B 73 -20.02 -33.80 -1.03
CA LYS B 73 -20.41 -32.88 -2.09
C LYS B 73 -21.72 -33.36 -2.66
N LEU B 74 -22.76 -32.56 -2.44
CA LEU B 74 -24.11 -32.86 -2.87
C LEU B 74 -24.47 -32.06 -4.12
N THR B 75 -24.73 -32.77 -5.21
CA THR B 75 -25.07 -32.15 -6.48
C THR B 75 -26.17 -32.94 -7.19
N GLY B 76 -27.21 -32.22 -7.63
CA GLY B 76 -28.33 -32.85 -8.31
C GLY B 76 -29.08 -33.85 -7.46
N GLY B 77 -28.91 -33.76 -6.14
CA GLY B 77 -29.54 -34.68 -5.23
C GLY B 77 -28.66 -35.88 -4.90
N SER B 78 -27.57 -36.01 -5.64
CA SER B 78 -26.64 -37.11 -5.44
C SER B 78 -25.49 -36.70 -4.53
N ALA B 79 -25.15 -37.55 -3.57
CA ALA B 79 -24.12 -37.22 -2.60
C ALA B 79 -22.84 -38.02 -2.82
N ILE B 80 -21.72 -37.31 -2.90
CA ILE B 80 -20.41 -37.93 -3.07
C ILE B 80 -19.51 -37.65 -1.87
N THR B 81 -19.03 -38.70 -1.22
CA THR B 81 -18.16 -38.52 -0.06
C THR B 81 -16.72 -38.92 -0.35
N GLN B 82 -15.79 -38.31 0.36
CA GLN B 82 -14.36 -38.58 0.19
C GLN B 82 -13.58 -38.09 1.41
N ALA B 83 -12.28 -38.36 1.42
CA ALA B 83 -11.42 -37.89 2.49
C ALA B 83 -11.34 -36.37 2.49
N CYS B 84 -11.43 -35.78 3.67
CA CYS B 84 -11.37 -34.33 3.80
C CYS B 84 -10.28 -33.88 4.76
N PRO B 85 -9.01 -34.03 4.35
CA PRO B 85 -7.92 -33.59 5.22
C PRO B 85 -7.79 -32.07 5.20
N LYS B 86 -7.41 -31.48 6.32
CA LYS B 86 -7.12 -30.05 6.35
C LYS B 86 -5.79 -29.81 5.67
N VAL B 87 -5.73 -28.77 4.83
CA VAL B 87 -4.56 -28.52 4.01
C VAL B 87 -4.00 -27.12 4.22
N SER B 88 -2.85 -26.85 3.60
CA SER B 88 -2.25 -25.53 3.61
C SER B 88 -2.77 -24.73 2.42
N PHE B 89 -3.39 -23.60 2.70
CA PHE B 89 -4.08 -22.83 1.67
C PHE B 89 -3.71 -21.36 1.69
N ASP B 90 -3.04 -20.92 0.63
CA ASP B 90 -2.70 -19.51 0.46
C ASP B 90 -2.40 -19.22 -1.01
N PRO B 91 -3.29 -18.46 -1.67
CA PRO B 91 -3.23 -18.16 -3.10
C PRO B 91 -1.89 -17.62 -3.58
N ILE B 92 -1.45 -18.05 -4.76
CA ILE B 92 -0.25 -17.54 -5.39
C ILE B 92 -0.60 -16.90 -6.73
N PRO B 93 0.18 -15.90 -7.15
CA PRO B 93 -0.09 -15.21 -8.42
C PRO B 93 0.06 -16.13 -9.64
N LEU B 94 -0.95 -16.13 -10.51
CA LEU B 94 -0.89 -16.89 -11.75
C LEU B 94 -0.85 -15.95 -12.95
N HIS B 95 0.11 -16.20 -13.84
CA HIS B 95 0.20 -15.45 -15.10
C HIS B 95 -0.48 -16.25 -16.20
N TYR B 96 -1.22 -15.56 -17.06
CA TYR B 96 -1.82 -16.24 -18.21
C TYR B 96 -1.14 -15.80 -19.49
N CYS B 97 -0.66 -16.79 -20.23
CA CYS B 97 0.20 -16.57 -21.39
C CYS B 97 -0.38 -17.18 -22.65
N ALA B 98 -0.09 -16.54 -23.78
CA ALA B 98 -0.58 -16.99 -25.08
C ALA B 98 0.44 -17.89 -25.77
N PRO B 99 -0.03 -18.99 -26.36
CA PRO B 99 0.83 -19.93 -27.09
C PRO B 99 1.38 -19.33 -28.39
N ALA B 100 2.15 -20.12 -29.13
CA ALA B 100 2.80 -19.66 -30.35
C ALA B 100 1.80 -19.20 -31.41
N GLY B 101 1.95 -17.96 -31.87
CA GLY B 101 1.08 -17.40 -32.88
C GLY B 101 0.13 -16.37 -32.30
N PHE B 102 0.04 -16.34 -30.97
CA PHE B 102 -0.85 -15.42 -30.28
C PHE B 102 -0.07 -14.46 -29.39
N ALA B 103 -0.69 -13.34 -29.06
CA ALA B 103 -0.13 -12.36 -28.13
C ALA B 103 -1.24 -11.76 -27.27
N ILE B 104 -0.84 -11.05 -26.22
CA ILE B 104 -1.79 -10.43 -25.32
C ILE B 104 -1.66 -8.90 -25.32
N LEU B 105 -2.60 -8.24 -25.99
CA LEU B 105 -2.67 -6.79 -26.01
C LEU B 105 -3.06 -6.25 -24.63
N LYS B 106 -2.41 -5.17 -24.22
CA LYS B 106 -2.54 -4.67 -22.86
C LYS B 106 -2.85 -3.17 -22.84
N CYS B 107 -4.01 -2.81 -22.29
CA CYS B 107 -4.40 -1.42 -22.21
C CYS B 107 -3.53 -0.69 -21.18
N ASN B 108 -3.03 0.48 -21.55
CA ASN B 108 -2.19 1.25 -20.65
C ASN B 108 -2.87 2.54 -20.19
N ASN B 109 -4.09 2.76 -20.67
CA ASN B 109 -4.88 3.89 -20.18
C ASN B 109 -5.23 3.66 -18.72
N LYS B 110 -4.68 4.49 -17.84
CA LYS B 110 -4.79 4.29 -16.40
C LYS B 110 -6.21 4.48 -15.88
N THR B 111 -7.08 5.06 -16.71
CA THR B 111 -8.46 5.32 -16.30
C THR B 111 -9.46 4.63 -17.22
N PHE B 112 -9.01 3.58 -17.90
CA PHE B 112 -9.88 2.81 -18.79
C PHE B 112 -10.93 2.05 -17.98
N ASN B 113 -12.18 2.08 -18.43
CA ASN B 113 -13.27 1.52 -17.65
C ASN B 113 -13.66 0.08 -18.03
N GLY B 114 -12.84 -0.55 -18.87
CA GLY B 114 -13.08 -1.92 -19.25
C GLY B 114 -13.80 -2.09 -20.58
N THR B 115 -14.70 -1.16 -20.89
CA THR B 115 -15.47 -1.23 -22.13
C THR B 115 -15.24 -0.01 -23.01
N GLY B 116 -15.15 -0.23 -24.32
CA GLY B 116 -14.97 0.87 -25.25
C GLY B 116 -13.55 0.97 -25.77
N PRO B 117 -13.19 2.14 -26.33
CA PRO B 117 -11.93 2.36 -27.04
C PRO B 117 -10.70 2.53 -26.13
N CYS B 118 -9.59 1.88 -26.48
CA CYS B 118 -8.33 2.13 -25.80
C CYS B 118 -7.18 2.26 -26.82
N ARG B 119 -6.38 3.31 -26.64
CA ARG B 119 -5.31 3.71 -27.58
C ARG B 119 -3.93 3.21 -27.19
N ASN B 120 -3.48 3.69 -26.04
CA ASN B 120 -2.16 3.37 -25.51
C ASN B 120 -2.15 1.91 -25.09
N VAL B 121 -1.81 1.05 -26.02
CA VAL B 121 -1.81 -0.39 -25.76
C VAL B 121 -0.42 -0.97 -26.08
N SER B 122 -0.04 -2.00 -25.35
CA SER B 122 1.17 -2.73 -25.66
C SER B 122 0.89 -4.19 -25.98
N THR B 123 1.96 -4.96 -26.12
CA THR B 123 1.86 -6.39 -26.39
C THR B 123 2.75 -7.17 -25.45
N VAL B 124 2.15 -8.10 -24.71
CA VAL B 124 2.88 -8.95 -23.79
C VAL B 124 2.64 -10.41 -24.13
N GLN B 125 3.51 -11.28 -23.62
CA GLN B 125 3.33 -12.72 -23.79
C GLN B 125 2.42 -13.24 -22.69
N CYS B 126 2.55 -12.65 -21.50
CA CYS B 126 1.77 -13.08 -20.34
C CYS B 126 1.24 -11.89 -19.55
N THR B 127 0.14 -12.11 -18.83
CA THR B 127 -0.44 -11.08 -17.97
C THR B 127 0.39 -10.92 -16.70
N HIS B 128 -0.01 -9.97 -15.86
CA HIS B 128 0.66 -9.78 -14.58
C HIS B 128 0.27 -10.89 -13.61
N GLY B 129 0.96 -10.95 -12.48
CA GLY B 129 0.67 -11.94 -11.46
C GLY B 129 -0.69 -11.73 -10.84
N ILE B 130 -1.59 -12.69 -11.01
CA ILE B 130 -2.94 -12.59 -10.48
C ILE B 130 -3.22 -13.69 -9.46
N LYS B 131 -3.60 -13.28 -8.25
CA LYS B 131 -3.95 -14.25 -7.22
C LYS B 131 -5.44 -14.58 -7.28
N PRO B 132 -5.77 -15.86 -7.52
CA PRO B 132 -7.14 -16.35 -7.65
C PRO B 132 -7.91 -16.31 -6.34
N VAL B 133 -8.24 -15.11 -5.87
CA VAL B 133 -8.94 -14.95 -4.61
C VAL B 133 -10.46 -15.09 -4.79
N VAL B 134 -11.00 -16.18 -4.27
CA VAL B 134 -12.44 -16.42 -4.30
C VAL B 134 -13.13 -15.68 -3.17
N SER B 135 -13.98 -14.73 -3.52
CA SER B 135 -14.67 -13.91 -2.52
C SER B 135 -15.93 -13.27 -3.07
N THR B 136 -16.79 -12.82 -2.16
CA THR B 136 -17.97 -12.04 -2.53
C THR B 136 -17.89 -10.67 -1.87
N GLN B 137 -18.69 -9.74 -2.36
CA GLN B 137 -18.73 -8.37 -1.84
C GLN B 137 -17.39 -7.65 -1.96
N LEU B 138 -16.37 -8.13 -1.25
CA LEU B 138 -15.05 -7.50 -1.27
C LEU B 138 -14.05 -8.27 -2.13
N LEU B 139 -13.27 -7.53 -2.91
CA LEU B 139 -12.17 -8.12 -3.68
C LEU B 139 -10.86 -7.97 -2.92
N LEU B 140 -10.18 -9.09 -2.70
CA LEU B 140 -9.03 -9.11 -1.79
C LEU B 140 -7.71 -9.39 -2.48
N ASN B 141 -6.66 -8.71 -2.01
CA ASN B 141 -5.29 -8.90 -2.49
C ASN B 141 -5.16 -8.80 -4.01
N GLY B 142 -5.79 -7.78 -4.59
CA GLY B 142 -5.71 -7.55 -6.01
C GLY B 142 -4.86 -6.33 -6.33
N SER B 143 -4.98 -5.84 -7.56
CA SER B 143 -4.24 -4.66 -7.98
C SER B 143 -5.04 -3.40 -7.74
N LEU B 144 -4.35 -2.29 -7.50
CA LEU B 144 -5.00 -1.00 -7.30
C LEU B 144 -4.94 -0.18 -8.59
N ALA B 145 -5.94 0.67 -8.80
CA ALA B 145 -5.89 1.62 -9.88
C ALA B 145 -4.71 2.55 -9.64
N GLU B 146 -3.97 2.86 -10.70
CA GLU B 146 -2.75 3.66 -10.56
C GLU B 146 -3.07 5.07 -10.06
N GLU B 147 -4.35 5.44 -10.19
CA GLU B 147 -5.06 6.42 -9.34
C GLU B 147 -6.40 6.75 -9.99
N GLU B 148 -7.22 7.51 -9.27
CA GLU B 148 -8.63 7.76 -9.62
C GLU B 148 -9.44 6.46 -9.62
N ILE B 149 -10.32 6.33 -8.64
CA ILE B 149 -11.18 5.15 -8.49
C ILE B 149 -12.04 4.96 -9.74
N ILE B 150 -12.12 3.71 -10.21
CA ILE B 150 -12.78 3.43 -11.48
C ILE B 150 -14.06 2.61 -11.34
N ILE B 151 -15.11 3.05 -12.03
CA ILE B 151 -16.39 2.34 -12.03
C ILE B 151 -16.52 1.48 -13.30
N ARG B 152 -16.84 0.20 -13.11
CA ARG B 152 -16.94 -0.73 -14.22
C ARG B 152 -18.29 -1.43 -14.28
N SER B 153 -18.86 -1.48 -15.48
CA SER B 153 -20.16 -2.12 -15.73
C SER B 153 -20.40 -2.15 -17.24
N GLU B 154 -20.93 -3.26 -17.75
CA GLU B 154 -21.29 -3.32 -19.16
C GLU B 154 -22.51 -2.47 -19.46
N ASN B 155 -23.32 -2.21 -18.43
CA ASN B 155 -24.38 -1.22 -18.51
C ASN B 155 -24.83 -0.79 -17.12
N LEU B 156 -24.44 0.42 -16.74
CA LEU B 156 -24.77 0.97 -15.42
C LEU B 156 -26.27 1.24 -15.26
N THR B 157 -26.92 1.58 -16.36
CA THR B 157 -28.36 1.85 -16.33
C THR B 157 -29.14 0.55 -16.25
N ASN B 158 -28.44 -0.57 -16.45
CA ASN B 158 -29.02 -1.89 -16.21
C ASN B 158 -28.76 -2.31 -14.78
N ASN B 159 -29.80 -2.22 -13.95
CA ASN B 159 -29.68 -2.50 -12.52
C ASN B 159 -29.30 -3.95 -12.21
N ALA B 160 -29.51 -4.82 -13.18
CA ALA B 160 -29.30 -6.26 -12.99
C ALA B 160 -27.83 -6.66 -13.12
N LYS B 161 -26.99 -5.69 -13.42
CA LYS B 161 -25.61 -5.97 -13.83
C LYS B 161 -24.61 -5.57 -12.74
N THR B 162 -23.65 -6.46 -12.48
CA THR B 162 -22.70 -6.27 -11.38
C THR B 162 -21.72 -5.13 -11.64
N ILE B 163 -21.59 -4.24 -10.68
CA ILE B 163 -20.66 -3.11 -10.74
C ILE B 163 -19.33 -3.43 -10.07
N ILE B 164 -18.23 -3.25 -10.78
CA ILE B 164 -16.91 -3.46 -10.20
C ILE B 164 -16.23 -2.12 -9.91
N VAL B 165 -15.97 -1.86 -8.64
CA VAL B 165 -15.29 -0.66 -8.23
C VAL B 165 -13.81 -0.93 -8.00
N HIS B 166 -12.96 -0.38 -8.86
CA HIS B 166 -11.52 -0.53 -8.73
C HIS B 166 -10.94 0.61 -7.91
N LEU B 167 -10.39 0.28 -6.75
CA LEU B 167 -9.86 1.28 -5.83
C LEU B 167 -8.41 1.64 -6.13
N ASN B 168 -8.01 2.83 -5.71
CA ASN B 168 -6.64 3.31 -5.92
C ASN B 168 -5.78 3.13 -4.69
N GLU B 169 -6.42 3.03 -3.52
CA GLU B 169 -5.73 2.78 -2.27
C GLU B 169 -6.43 1.67 -1.50
N SER B 170 -5.66 0.65 -1.10
CA SER B 170 -6.23 -0.52 -0.45
C SER B 170 -6.74 -0.22 0.96
N VAL B 171 -7.76 -0.96 1.39
CA VAL B 171 -8.27 -0.84 2.75
C VAL B 171 -8.04 -2.13 3.52
N ASN B 172 -7.11 -2.09 4.47
CA ASN B 172 -6.76 -3.28 5.25
C ASN B 172 -7.94 -3.86 6.02
N ILE B 173 -8.05 -5.18 6.01
CA ILE B 173 -9.06 -5.88 6.79
C ILE B 173 -8.42 -7.08 7.48
N VAL B 174 -8.65 -7.19 8.79
CA VAL B 174 -8.03 -8.28 9.56
C VAL B 174 -9.05 -9.21 10.18
N CYS B 175 -9.20 -10.40 9.60
CA CYS B 175 -10.16 -11.36 10.10
C CYS B 175 -9.50 -12.40 11.01
N THR B 176 -10.22 -12.84 12.03
CA THR B 176 -9.63 -13.73 13.03
C THR B 176 -10.66 -14.57 13.77
N ARG B 177 -10.37 -15.87 13.88
CA ARG B 177 -11.00 -16.71 14.87
C ARG B 177 -9.97 -16.98 15.96
N PRO B 178 -10.18 -16.35 17.13
CA PRO B 178 -9.25 -16.41 18.27
C PRO B 178 -9.06 -17.82 18.80
N ASN B 179 -7.91 -18.06 19.44
CA ASN B 179 -7.57 -19.38 19.96
C ASN B 179 -8.53 -19.84 21.05
N ASN B 188 -17.35 -20.42 21.37
CA ASN B 188 -17.71 -20.88 20.05
C ASN B 188 -16.51 -20.92 19.11
N ILE B 189 -16.14 -22.13 18.67
CA ILE B 189 -15.00 -22.31 17.78
C ILE B 189 -15.36 -21.98 16.34
N ARG B 190 -16.57 -21.48 16.13
CA ARG B 190 -17.01 -21.06 14.81
C ARG B 190 -17.25 -19.56 14.76
N GLN B 191 -17.06 -18.91 15.91
CA GLN B 191 -17.23 -17.47 16.02
C GLN B 191 -15.93 -16.75 15.67
N ALA B 192 -15.98 -15.92 14.63
CA ALA B 192 -14.84 -15.11 14.22
C ALA B 192 -15.24 -13.65 14.10
N HIS B 193 -14.28 -12.79 13.75
CA HIS B 193 -14.60 -11.39 13.54
C HIS B 193 -13.54 -10.67 12.71
N CYS B 194 -13.95 -9.61 12.01
CA CYS B 194 -13.04 -8.82 11.19
C CYS B 194 -12.87 -7.41 11.76
N ASN B 195 -11.71 -6.82 11.52
CA ASN B 195 -11.44 -5.46 11.95
C ASN B 195 -11.03 -4.57 10.79
N ILE B 196 -11.67 -3.40 10.70
CA ILE B 196 -11.37 -2.41 9.66
C ILE B 196 -11.36 -1.00 10.24
N ASN B 197 -10.33 -0.21 9.93
CA ASN B 197 -10.27 1.18 10.37
C ASN B 197 -11.37 2.00 9.70
N GLU B 198 -12.15 2.70 10.51
CA GLU B 198 -13.33 3.42 10.02
C GLU B 198 -12.98 4.62 9.13
N SER B 199 -11.92 5.33 9.47
CA SER B 199 -11.52 6.53 8.73
C SER B 199 -11.26 6.22 7.26
N LYS B 200 -10.47 5.17 7.02
CA LYS B 200 -10.15 4.75 5.66
C LYS B 200 -11.40 4.32 4.91
N TRP B 201 -12.37 3.79 5.65
CA TRP B 201 -13.60 3.30 5.03
C TRP B 201 -14.54 4.42 4.64
N ASN B 202 -14.67 5.44 5.49
CA ASN B 202 -15.50 6.60 5.17
C ASN B 202 -14.85 7.43 4.07
N ASN B 203 -13.52 7.48 4.10
CA ASN B 203 -12.76 8.09 3.01
C ASN B 203 -13.06 7.40 1.68
N THR B 204 -12.84 6.09 1.67
CA THR B 204 -13.08 5.27 0.48
C THR B 204 -14.50 5.42 -0.03
N LEU B 205 -15.48 5.28 0.85
CA LEU B 205 -16.88 5.34 0.46
C LEU B 205 -17.32 6.74 0.05
N GLN B 206 -16.61 7.75 0.53
CA GLN B 206 -16.91 9.10 0.08
C GLN B 206 -16.44 9.30 -1.34
N LYS B 207 -15.16 8.99 -1.61
CA LYS B 207 -14.63 9.15 -2.96
C LYS B 207 -15.39 8.27 -3.98
N VAL B 208 -15.60 7.01 -3.63
CA VAL B 208 -16.42 6.12 -4.43
C VAL B 208 -17.81 6.71 -4.61
N GLY B 209 -18.33 7.31 -3.56
CA GLY B 209 -19.64 7.94 -3.59
C GLY B 209 -19.73 9.07 -4.61
N GLU B 210 -18.63 9.80 -4.76
CA GLU B 210 -18.60 10.94 -5.68
C GLU B 210 -18.33 10.52 -7.13
N GLU B 211 -17.48 9.51 -7.31
CA GLU B 211 -17.28 8.96 -8.64
C GLU B 211 -18.53 8.22 -9.11
N LEU B 212 -19.37 7.83 -8.15
CA LEU B 212 -20.69 7.30 -8.46
C LEU B 212 -21.65 8.45 -8.74
N ALA B 213 -21.45 9.57 -8.04
CA ALA B 213 -22.28 10.76 -8.24
C ALA B 213 -22.09 11.33 -9.64
N LYS B 214 -20.92 11.13 -10.21
CA LYS B 214 -20.64 11.57 -11.57
C LYS B 214 -21.53 10.83 -12.57
N HIS B 215 -21.57 9.51 -12.47
CA HIS B 215 -22.35 8.70 -13.40
C HIS B 215 -23.85 8.83 -13.15
N PHE B 216 -24.21 9.27 -11.94
CA PHE B 216 -25.61 9.46 -11.60
C PHE B 216 -25.86 10.89 -11.19
N PRO B 217 -26.20 11.74 -12.18
CA PRO B 217 -26.37 13.19 -12.11
C PRO B 217 -26.19 13.74 -10.69
N SER B 218 -27.29 13.91 -9.95
CA SER B 218 -27.17 14.07 -8.51
C SER B 218 -28.45 13.66 -7.78
N LYS B 219 -28.50 12.37 -7.47
CA LYS B 219 -29.49 11.80 -6.56
C LYS B 219 -28.79 11.57 -5.23
N THR B 220 -29.54 11.25 -4.18
CA THR B 220 -28.91 10.86 -2.93
C THR B 220 -28.37 9.43 -3.07
N ILE B 221 -27.08 9.25 -2.81
CA ILE B 221 -26.46 7.94 -3.02
C ILE B 221 -26.35 7.15 -1.72
N LYS B 222 -27.20 6.14 -1.57
CA LYS B 222 -27.22 5.37 -0.32
C LYS B 222 -26.46 4.06 -0.43
N PHE B 223 -25.82 3.67 0.67
CA PHE B 223 -25.16 2.38 0.77
C PHE B 223 -25.86 1.52 1.81
N GLU B 224 -26.52 0.45 1.33
CA GLU B 224 -27.26 -0.47 2.19
C GLU B 224 -26.79 -1.91 1.98
N PRO B 225 -26.97 -2.77 3.01
CA PRO B 225 -26.56 -4.17 2.93
C PRO B 225 -27.29 -4.97 1.86
N SER B 226 -26.81 -6.17 1.57
CA SER B 226 -27.45 -7.06 0.59
C SER B 226 -28.86 -7.42 1.06
N SER B 227 -29.82 -7.25 0.15
CA SER B 227 -31.24 -7.42 0.48
C SER B 227 -31.57 -8.83 0.98
N GLY B 228 -30.96 -9.83 0.37
CA GLY B 228 -31.22 -11.21 0.76
C GLY B 228 -30.64 -12.24 -0.19
N GLY B 229 -30.72 -13.50 0.19
CA GLY B 229 -30.18 -14.58 -0.61
C GLY B 229 -29.34 -15.54 0.22
N ASP B 230 -28.48 -16.30 -0.43
CA ASP B 230 -27.59 -17.22 0.27
C ASP B 230 -26.55 -16.45 1.08
N LEU B 231 -26.09 -17.07 2.16
CA LEU B 231 -25.12 -16.43 3.05
C LEU B 231 -23.83 -16.07 2.34
N GLU B 232 -23.50 -16.82 1.29
CA GLU B 232 -22.29 -16.57 0.52
C GLU B 232 -22.30 -15.17 -0.11
N ILE B 233 -23.48 -14.67 -0.42
CA ILE B 233 -23.59 -13.38 -1.10
C ILE B 233 -24.16 -12.28 -0.22
N THR B 234 -24.89 -12.65 0.83
CA THR B 234 -25.43 -11.66 1.76
C THR B 234 -24.37 -11.21 2.75
N THR B 235 -23.26 -11.95 2.77
CA THR B 235 -22.13 -11.62 3.63
C THR B 235 -20.84 -11.60 2.82
N HIS B 236 -19.81 -10.96 3.36
CA HIS B 236 -18.48 -11.06 2.80
C HIS B 236 -17.94 -12.46 3.07
N SER B 237 -18.05 -13.32 2.07
CA SER B 237 -17.59 -14.70 2.19
C SER B 237 -16.21 -14.85 1.56
N PHE B 238 -15.33 -15.58 2.22
CA PHE B 238 -14.00 -15.83 1.67
C PHE B 238 -13.36 -17.03 2.33
N ASN B 239 -12.21 -17.47 1.82
CA ASN B 239 -11.51 -18.60 2.41
C ASN B 239 -10.19 -18.17 3.04
N CYS B 240 -10.05 -18.47 4.32
CA CYS B 240 -8.82 -18.17 5.06
C CYS B 240 -8.23 -19.47 5.60
N ARG B 241 -7.06 -19.83 5.07
CA ARG B 241 -6.34 -21.03 5.50
C ARG B 241 -7.20 -22.29 5.44
N GLY B 242 -8.03 -22.40 4.41
CA GLY B 242 -8.86 -23.57 4.22
C GLY B 242 -10.22 -23.47 4.89
N GLU B 243 -10.38 -22.48 5.75
CA GLU B 243 -11.64 -22.32 6.48
C GLU B 243 -12.52 -21.26 5.85
N PHE B 244 -13.81 -21.56 5.74
CA PHE B 244 -14.74 -20.66 5.05
C PHE B 244 -15.37 -19.64 5.99
N PHE B 245 -14.94 -18.39 5.84
CA PHE B 245 -15.44 -17.28 6.65
C PHE B 245 -16.61 -16.56 6.00
N TYR B 246 -17.69 -16.40 6.78
CA TYR B 246 -18.84 -15.60 6.37
C TYR B 246 -18.97 -14.40 7.30
N CYS B 247 -18.64 -13.21 6.81
CA CYS B 247 -18.61 -12.04 7.67
C CYS B 247 -19.71 -11.02 7.36
N ASN B 248 -20.46 -10.64 8.39
CA ASN B 248 -21.54 -9.67 8.25
C ASN B 248 -20.99 -8.29 7.89
N THR B 249 -21.67 -7.60 6.97
CA THR B 249 -21.23 -6.29 6.53
C THR B 249 -22.35 -5.25 6.65
N SER B 250 -23.28 -5.49 7.57
CA SER B 250 -24.40 -4.58 7.78
C SER B 250 -23.93 -3.26 8.37
N ASP B 251 -22.78 -3.28 9.05
CA ASP B 251 -22.21 -2.07 9.61
C ASP B 251 -21.05 -1.57 8.75
N LEU B 252 -20.91 -2.17 7.57
CA LEU B 252 -19.86 -1.79 6.63
C LEU B 252 -20.47 -1.04 5.45
N PHE B 253 -21.54 -1.60 4.90
CA PHE B 253 -22.27 -0.96 3.81
C PHE B 253 -23.54 -0.34 4.32
N ASN B 254 -23.39 0.69 5.14
CA ASN B 254 -24.56 1.36 5.64
C ASN B 254 -24.29 2.78 6.06
N GLY B 255 -24.60 3.64 5.10
CA GLY B 255 -24.30 5.07 5.13
C GLY B 255 -24.98 5.85 4.01
N THR B 256 -24.83 7.18 4.02
CA THR B 256 -25.51 8.04 3.04
C THR B 256 -24.60 9.13 2.48
N TYR B 257 -24.64 9.27 1.15
CA TYR B 257 -23.89 10.32 0.47
C TYR B 257 -24.83 11.36 -0.12
N ARG B 258 -24.66 12.60 0.34
CA ARG B 258 -25.50 13.72 -0.05
C ARG B 258 -24.61 14.95 0.03
N ASN B 259 -24.96 16.04 -0.64
CA ASN B 259 -24.26 17.31 -0.39
C ASN B 259 -22.77 17.29 -0.75
N GLY B 260 -22.35 16.30 -1.55
CA GLY B 260 -20.96 16.20 -1.91
C GLY B 260 -20.09 15.62 -0.80
N THR B 261 -20.74 15.08 0.23
CA THR B 261 -20.05 14.44 1.34
C THR B 261 -20.81 13.20 1.80
N TYR B 262 -20.08 12.27 2.41
CA TYR B 262 -20.66 11.01 2.85
C TYR B 262 -20.57 10.87 4.36
N ASN B 263 -21.63 10.35 4.96
CA ASN B 263 -21.57 10.02 6.38
C ASN B 263 -21.99 8.57 6.63
N HIS B 264 -21.18 7.91 7.44
CA HIS B 264 -21.35 6.49 7.75
C HIS B 264 -22.39 6.29 8.83
N THR B 265 -23.46 5.56 8.50
CA THR B 265 -24.51 5.28 9.47
C THR B 265 -24.31 3.89 10.06
N GLY B 266 -23.24 3.24 9.64
CA GLY B 266 -22.85 1.95 10.20
C GLY B 266 -22.23 2.17 11.56
N ARG B 267 -22.31 1.16 12.42
CA ARG B 267 -21.92 1.32 13.82
C ARG B 267 -20.43 1.01 14.03
N SER B 268 -19.85 1.64 15.04
CA SER B 268 -18.41 1.52 15.27
C SER B 268 -18.05 1.78 16.72
N SER B 269 -16.83 1.43 17.10
CA SER B 269 -16.36 1.64 18.47
C SER B 269 -14.92 2.12 18.48
N ASN B 270 -14.74 3.40 18.76
CA ASN B 270 -13.43 4.04 18.83
C ASN B 270 -12.59 3.84 17.57
N GLY B 271 -13.18 4.13 16.41
CA GLY B 271 -12.46 4.14 15.15
C GLY B 271 -12.20 2.79 14.51
N THR B 272 -12.93 1.76 14.95
CA THR B 272 -12.77 0.43 14.36
C THR B 272 -14.10 -0.28 14.15
N ILE B 273 -14.40 -0.58 12.89
CA ILE B 273 -15.56 -1.38 12.53
C ILE B 273 -15.23 -2.86 12.69
N THR B 274 -16.08 -3.58 13.42
CA THR B 274 -15.88 -5.01 13.63
C THR B 274 -17.01 -5.81 12.99
N LEU B 275 -16.66 -6.65 12.01
CA LEU B 275 -17.63 -7.52 11.36
C LEU B 275 -17.79 -8.80 12.15
N GLN B 276 -19.04 -9.18 12.45
CA GLN B 276 -19.29 -10.45 13.12
C GLN B 276 -19.25 -11.59 12.11
N CYS B 277 -18.30 -12.51 12.30
CA CYS B 277 -18.07 -13.56 11.33
C CYS B 277 -18.37 -14.96 11.85
N LYS B 278 -18.65 -15.85 10.92
CA LYS B 278 -19.03 -17.22 11.22
C LYS B 278 -18.31 -18.18 10.26
N ILE B 279 -17.55 -19.11 10.83
CA ILE B 279 -16.89 -20.12 10.01
C ILE B 279 -17.89 -21.21 9.67
N LYS B 280 -18.17 -21.37 8.39
CA LYS B 280 -19.15 -22.37 7.99
C LYS B 280 -18.54 -23.62 7.38
N GLN B 281 -19.25 -24.73 7.61
CA GLN B 281 -19.01 -26.06 7.04
C GLN B 281 -19.78 -26.39 5.79
N ILE B 282 -21.05 -25.99 5.76
CA ILE B 282 -21.87 -26.22 4.58
C ILE B 282 -21.82 -25.00 3.67
N ILE B 283 -21.38 -25.21 2.43
CA ILE B 283 -21.13 -24.11 1.51
C ILE B 283 -21.86 -24.29 0.17
N ASN B 284 -22.57 -23.27 -0.27
CA ASN B 284 -23.06 -23.23 -1.64
C ASN B 284 -21.88 -22.96 -2.57
N MET B 285 -21.55 -23.94 -3.40
CA MET B 285 -20.34 -23.85 -4.23
C MET B 285 -20.42 -22.76 -5.29
N TRP B 286 -19.29 -22.15 -5.58
CA TRP B 286 -19.21 -21.15 -6.65
C TRP B 286 -18.84 -21.81 -7.96
N GLN B 287 -18.24 -22.99 -7.87
CA GLN B 287 -17.83 -23.76 -9.04
C GLN B 287 -19.03 -24.23 -9.84
N GLU B 288 -20.03 -24.75 -9.12
CA GLU B 288 -21.24 -25.25 -9.74
C GLU B 288 -22.43 -25.12 -8.80
N VAL B 289 -23.62 -25.37 -9.32
CA VAL B 289 -24.82 -25.38 -8.48
C VAL B 289 -24.86 -26.66 -7.65
N GLY B 290 -24.56 -26.50 -6.36
CA GLY B 290 -24.52 -27.63 -5.44
C GLY B 290 -23.92 -27.20 -4.12
N ARG B 291 -23.84 -28.14 -3.18
CA ARG B 291 -23.33 -27.79 -1.85
C ARG B 291 -22.20 -28.71 -1.42
N ALA B 292 -21.29 -28.17 -0.62
CA ALA B 292 -20.15 -28.95 -0.13
C ALA B 292 -20.05 -28.86 1.39
N ILE B 293 -19.83 -30.01 2.03
CA ILE B 293 -19.67 -30.06 3.47
C ILE B 293 -18.25 -30.45 3.84
N TYR B 294 -17.61 -29.61 4.65
CA TYR B 294 -16.22 -29.82 5.06
C TYR B 294 -16.13 -30.24 6.52
N ALA B 295 -14.92 -30.41 7.01
CA ALA B 295 -14.68 -30.80 8.40
C ALA B 295 -14.72 -29.57 9.32
N PRO B 296 -14.84 -29.79 10.65
CA PRO B 296 -14.82 -28.66 11.58
C PRO B 296 -13.56 -27.85 11.48
N PRO B 297 -13.60 -26.56 11.87
CA PRO B 297 -12.44 -25.69 11.71
C PRO B 297 -11.22 -26.20 12.48
N ILE B 298 -10.04 -25.98 11.93
CA ILE B 298 -8.79 -26.35 12.59
C ILE B 298 -8.65 -25.62 13.92
N GLU B 299 -7.83 -26.15 14.81
CA GLU B 299 -7.61 -25.53 16.10
C GLU B 299 -6.51 -24.47 16.01
N GLY B 300 -6.47 -23.58 17.00
CA GLY B 300 -5.50 -22.51 17.03
C GLY B 300 -6.08 -21.21 16.50
N GLU B 301 -5.23 -20.19 16.39
CA GLU B 301 -5.66 -18.89 15.90
C GLU B 301 -5.75 -18.89 14.37
N ILE B 302 -6.96 -18.66 13.85
CA ILE B 302 -7.15 -18.63 12.40
C ILE B 302 -7.31 -17.20 11.91
N THR B 303 -6.21 -16.59 11.48
CA THR B 303 -6.23 -15.18 11.09
C THR B 303 -5.77 -14.92 9.66
N CYS B 304 -6.49 -14.04 8.97
CA CYS B 304 -6.10 -13.57 7.65
C CYS B 304 -6.01 -12.06 7.63
N ASN B 305 -4.83 -11.56 7.25
CA ASN B 305 -4.62 -10.13 7.08
C ASN B 305 -4.66 -9.79 5.59
N SER B 306 -5.78 -9.23 5.15
CA SER B 306 -5.98 -8.99 3.72
C SER B 306 -6.12 -7.51 3.39
N ASN B 307 -6.05 -7.20 2.10
CA ASN B 307 -6.25 -5.84 1.62
C ASN B 307 -7.44 -5.75 0.67
N ILE B 308 -8.38 -4.89 0.99
CA ILE B 308 -9.51 -4.62 0.10
C ILE B 308 -9.05 -3.76 -1.06
N THR B 309 -9.12 -4.31 -2.26
CA THR B 309 -8.64 -3.62 -3.46
C THR B 309 -9.77 -3.28 -4.41
N GLY B 310 -10.98 -3.73 -4.09
CA GLY B 310 -12.12 -3.50 -4.95
C GLY B 310 -13.46 -3.77 -4.30
N LEU B 311 -14.53 -3.40 -5.01
CA LEU B 311 -15.89 -3.61 -4.51
C LEU B 311 -16.79 -4.23 -5.56
N LEU B 312 -17.73 -5.06 -5.11
CA LEU B 312 -18.74 -5.63 -5.99
C LEU B 312 -20.12 -5.13 -5.58
N LEU B 313 -20.71 -4.28 -6.41
CA LEU B 313 -21.96 -3.63 -6.07
C LEU B 313 -23.11 -3.99 -7.00
N LEU B 314 -24.33 -3.76 -6.50
CA LEU B 314 -25.56 -3.96 -7.26
C LEU B 314 -26.50 -2.81 -6.94
N ARG B 315 -26.99 -2.15 -7.98
CA ARG B 315 -27.89 -1.02 -7.82
C ARG B 315 -29.34 -1.49 -7.90
N ASP B 316 -30.16 -0.97 -6.99
CA ASP B 316 -31.57 -1.36 -6.92
C ASP B 316 -32.35 -0.93 -8.15
N ASP B 323 -34.61 10.34 -7.17
CA ASP B 323 -34.23 10.97 -5.91
C ASP B 323 -33.07 10.24 -5.24
N THR B 324 -33.20 8.93 -5.09
CA THR B 324 -32.17 8.14 -4.44
C THR B 324 -31.71 6.96 -5.27
N GLU B 325 -30.41 6.74 -5.32
CA GLU B 325 -29.85 5.52 -5.89
C GLU B 325 -29.22 4.70 -4.77
N THR B 326 -29.72 3.48 -4.60
CA THR B 326 -29.27 2.61 -3.52
C THR B 326 -28.33 1.53 -4.04
N PHE B 327 -27.20 1.37 -3.36
CA PHE B 327 -26.21 0.38 -3.75
C PHE B 327 -25.99 -0.65 -2.65
N ARG B 328 -25.87 -1.91 -3.04
CA ARG B 328 -25.69 -3.01 -2.08
C ARG B 328 -24.52 -3.89 -2.49
N PRO B 329 -23.85 -4.52 -1.52
CA PRO B 329 -22.76 -5.43 -1.89
C PRO B 329 -23.28 -6.65 -2.65
N GLY B 330 -22.54 -7.10 -3.65
CA GLY B 330 -22.97 -8.22 -4.47
C GLY B 330 -21.93 -9.32 -4.56
N GLY B 331 -21.96 -10.08 -5.65
CA GLY B 331 -21.01 -11.15 -5.86
C GLY B 331 -21.66 -12.50 -6.05
N GLY B 332 -20.83 -13.55 -6.15
CA GLY B 332 -21.32 -14.89 -6.37
C GLY B 332 -20.68 -15.49 -7.61
N ASP B 333 -20.66 -14.72 -8.69
CA ASP B 333 -19.99 -15.12 -9.92
C ASP B 333 -18.52 -14.74 -9.83
N MET B 334 -17.66 -15.75 -9.66
CA MET B 334 -16.23 -15.51 -9.49
C MET B 334 -15.57 -15.04 -10.78
N ARG B 335 -16.27 -15.19 -11.89
CA ARG B 335 -15.77 -14.72 -13.17
C ARG B 335 -15.67 -13.20 -13.15
N ASP B 336 -16.49 -12.57 -12.32
CA ASP B 336 -16.36 -11.13 -12.08
C ASP B 336 -15.08 -10.85 -11.30
N ASN B 337 -14.72 -11.77 -10.41
CA ASN B 337 -13.49 -11.70 -9.62
C ASN B 337 -12.25 -11.90 -10.49
N TRP B 338 -12.41 -12.59 -11.60
CA TRP B 338 -11.32 -12.70 -12.58
C TRP B 338 -11.30 -11.49 -13.54
N ARG B 339 -12.48 -10.91 -13.79
CA ARG B 339 -12.62 -9.75 -14.69
C ARG B 339 -11.97 -8.45 -14.17
N SER B 340 -12.12 -8.18 -12.87
CA SER B 340 -11.41 -7.03 -12.24
C SER B 340 -9.89 -7.02 -12.44
N GLU B 341 -9.30 -8.17 -12.73
CA GLU B 341 -7.85 -8.25 -12.94
C GLU B 341 -7.53 -8.45 -14.42
N LEU B 342 -8.43 -9.08 -15.16
CA LEU B 342 -8.18 -9.36 -16.58
C LEU B 342 -8.77 -8.32 -17.53
N TYR B 343 -9.27 -7.21 -16.97
CA TYR B 343 -9.99 -6.22 -17.77
C TYR B 343 -9.10 -5.52 -18.81
N LYS B 344 -7.81 -5.44 -18.53
CA LYS B 344 -6.90 -4.67 -19.38
C LYS B 344 -6.20 -5.52 -20.43
N TYR B 345 -6.47 -6.82 -20.46
CA TYR B 345 -5.80 -7.72 -21.40
C TYR B 345 -6.76 -8.29 -22.45
N LYS B 346 -6.24 -8.58 -23.64
CA LYS B 346 -7.03 -9.26 -24.67
C LYS B 346 -6.12 -10.09 -25.59
N VAL B 347 -6.52 -11.32 -25.87
CA VAL B 347 -5.74 -12.20 -26.74
C VAL B 347 -6.01 -11.91 -28.22
N VAL B 348 -4.94 -11.79 -29.01
CA VAL B 348 -5.06 -11.56 -30.44
C VAL B 348 -4.02 -12.41 -31.19
N GLU B 349 -4.17 -12.56 -32.49
CA GLU B 349 -3.19 -13.28 -33.29
C GLU B 349 -2.31 -12.34 -34.11
C10 5VE C . 25.12 16.20 5.98
C13 5VE C . 25.73 13.38 3.41
C15 5VE C . 24.27 12.69 1.55
C17 5VE C . 22.90 12.23 1.08
C20 5VE C . 21.49 11.49 -0.88
C21 5VE C . 20.24 11.92 -0.43
C22 5VE C . 19.07 11.39 -1.01
C24 5VE C . 19.16 10.42 -2.06
C26 5VE C . 20.41 9.99 -2.51
N 5VE C . 23.65 17.90 6.95
C 5VE C . 23.52 19.28 7.32
C00 5VE C . 24.73 17.75 6.11
CL25 5VE C . 17.72 9.77 -2.79
N01 5VE C . 29.66 13.92 2.13
C02 5VE C . 29.20 12.90 1.56
N03 5VE C . 28.33 11.98 2.29
C04 5VE C . 27.98 12.25 3.73
C05 5VE C . 26.46 12.15 3.94
C06 5VE C . 26.14 12.07 5.35
C07 5VE C . 25.80 13.47 5.79
C08 5VE C . 25.69 14.06 7.03
C09 5VE C . 25.35 15.44 7.14
C11 5VE C . 25.22 15.61 4.72
C12 5VE C . 25.56 14.26 4.63
N14 5VE C . 24.48 12.97 2.95
O16 5VE C . 25.19 12.83 0.75
O18 5VE C . 22.00 12.09 1.90
N19 5VE C . 22.69 11.96 -0.33
C27 5VE C . 21.58 10.53 -1.92
N28 5VE C . 29.50 12.66 0.27
F23 5VE C . 17.88 11.79 -0.60
C10 5VE D . -24.96 -15.62 -8.07
C13 5VE D . -23.32 -18.83 -6.68
C15 5VE D . -21.74 -19.14 -4.82
C17 5VE D . -20.43 -18.77 -4.13
C20 5VE D . -18.89 -19.18 -2.20
C21 5VE D . -18.37 -17.89 -2.01
C22 5VE D . -17.14 -17.72 -1.32
C24 5VE D . -16.43 -18.86 -0.83
C26 5VE D . -16.94 -20.15 -1.04
N 5VE D . -25.19 -13.17 -8.11
C 5VE D . -26.05 -12.05 -7.84
C00 5VE D . -25.79 -14.32 -7.63
CL25 5VE D . -14.92 -18.66 0.00
N01 5VE D . -26.11 -21.62 -5.88
C02 5VE D . -25.07 -22.33 -5.95
N03 5VE D . -24.04 -22.02 -6.93
C04 5VE D . -24.17 -20.88 -7.87
C05 5VE D . -22.99 -19.90 -7.71
C06 5VE D . -22.75 -19.19 -8.95
C07 5VE D . -23.51 -17.89 -8.86
C08 5VE D . -23.90 -16.97 -9.81
C09 5VE D . -24.63 -15.82 -9.41
C11 5VE D . -24.57 -16.55 -7.10
C12 5VE D . -23.85 -17.68 -7.51
N14 5VE D . -22.12 -18.47 -6.05
O16 5VE D . -22.48 -19.98 -4.34
O18 5VE D . -19.71 -17.91 -4.62
N19 5VE D . -20.08 -19.43 -2.88
C27 5VE D . -18.16 -20.32 -1.72
N28 5VE D . -24.92 -23.37 -5.10
F23 5VE D . -16.66 -16.51 -1.13
#